data_5YLK
#
_entry.id   5YLK
#
_cell.length_a   48.985
_cell.length_b   72.177
_cell.length_c   177.160
_cell.angle_alpha   90.00
_cell.angle_beta   90.00
_cell.angle_gamma   90.00
#
_symmetry.space_group_name_H-M   'P 21 21 21'
#
loop_
_entity.id
_entity.type
_entity.pdbx_description
1 polymer beta-1,4-mannanase
2 branched beta-D-mannopyranose-(1-4)-beta-D-mannopyranose
3 non-polymer beta-D-mannopyranose
4 water water
#
_entity_poly.entity_id   1
_entity_poly.type   'polypeptide(L)'
_entity_poly.pdbx_seq_one_letter_code
;MEFIKGFTFGWDSQKGYFKTERAKESLRLMQERTASEYVIVALAALQDTAHSTEVDFQGSHMVDDDELIELIDYAKSLGL
KVILKPTVNCRNGTWRAHINFFDMDIPGEPTWDEWFESYINYQKHYAKIAEKTNCEMFVVGCEMVQAERREDKWRELIAE
VRKDYRGLVTYNTDKYQEDNVKFWDALDVISSSGYYPINDWDRQLDRIEAVVKQYDKPFFFVAAGCPSRSGSALLPNKWD
LEGAINLQEQADYYQVMFEKTASRSWVGGFGLWDWQTYLYDEKDATKNDDYGVFGKPAERVIKAYYQSR
;
_entity_poly.pdbx_strand_id   B,A
#
loop_
_chem_comp.id
_chem_comp.type
_chem_comp.name
_chem_comp.formula
BMA D-saccharide, beta linking beta-D-mannopyranose 'C6 H12 O6'
#
# COMPACT_ATOMS: atom_id res chain seq x y z
N MET A 1 -30.59 -14.35 17.81
CA MET A 1 -30.23 -15.06 16.58
C MET A 1 -29.69 -16.45 16.84
N GLU A 2 -30.16 -17.42 16.05
CA GLU A 2 -29.70 -18.79 16.14
C GLU A 2 -28.21 -18.88 15.83
N PHE A 3 -27.57 -19.93 16.36
CA PHE A 3 -26.17 -20.22 16.04
C PHE A 3 -26.02 -20.47 14.55
N ILE A 4 -25.06 -19.77 13.93
CA ILE A 4 -24.90 -19.77 12.49
C ILE A 4 -23.93 -20.88 12.09
N LYS A 5 -24.47 -21.95 11.50
CA LYS A 5 -23.65 -23.06 11.01
C LYS A 5 -23.35 -22.82 9.53
N GLY A 6 -22.32 -22.02 9.30
CA GLY A 6 -22.07 -21.51 7.97
C GLY A 6 -20.81 -22.02 7.30
N PHE A 7 -20.80 -21.91 5.98
CA PHE A 7 -19.64 -22.24 5.18
C PHE A 7 -19.56 -21.26 4.04
N THR A 8 -18.35 -20.76 3.79
CA THR A 8 -18.12 -19.86 2.67
C THR A 8 -18.03 -20.65 1.37
N PHE A 9 -18.68 -20.13 0.34
CA PHE A 9 -18.81 -20.80 -0.95
C PHE A 9 -18.59 -19.79 -2.07
N GLY A 10 -17.99 -20.24 -3.16
CA GLY A 10 -17.90 -19.46 -4.37
C GLY A 10 -16.71 -18.52 -4.49
N TRP A 11 -15.74 -18.60 -3.57
CA TRP A 11 -14.60 -17.69 -3.63
C TRP A 11 -13.82 -17.86 -4.94
N ASP A 12 -13.83 -19.06 -5.49
CA ASP A 12 -13.13 -19.34 -6.75
C ASP A 12 -13.95 -18.97 -7.97
N SER A 13 -15.18 -18.48 -7.82
CA SER A 13 -16.08 -18.36 -8.95
C SER A 13 -15.60 -17.29 -9.93
N GLN A 14 -15.91 -17.53 -11.21
CA GLN A 14 -15.80 -16.56 -12.28
C GLN A 14 -17.09 -16.59 -13.08
N LYS A 15 -17.24 -15.65 -14.00
CA LYS A 15 -18.45 -15.55 -14.81
C LYS A 15 -18.78 -16.90 -15.44
N GLY A 16 -20.01 -17.36 -15.21
CA GLY A 16 -20.49 -18.61 -15.77
C GLY A 16 -20.46 -19.79 -14.82
N TYR A 17 -19.65 -19.74 -13.76
CA TYR A 17 -19.55 -20.85 -12.81
C TYR A 17 -20.92 -21.22 -12.24
N PHE A 18 -21.67 -20.22 -11.78
CA PHE A 18 -22.83 -20.54 -10.94
C PHE A 18 -24.00 -21.08 -11.75
N LYS A 19 -23.99 -20.91 -13.08
CA LYS A 19 -24.99 -21.51 -13.95
C LYS A 19 -24.82 -23.01 -14.14
N THR A 20 -23.69 -23.58 -13.72
CA THR A 20 -23.37 -24.95 -14.08
C THR A 20 -23.92 -25.93 -13.05
N GLU A 21 -24.20 -27.16 -13.52
CA GLU A 21 -24.54 -28.24 -12.61
C GLU A 21 -23.38 -28.55 -11.66
N ARG A 22 -22.14 -28.35 -12.11
CA ARG A 22 -21.01 -28.62 -11.23
C ARG A 22 -21.06 -27.74 -9.99
N ALA A 23 -21.43 -26.46 -10.15
CA ALA A 23 -21.54 -25.58 -9.00
C ALA A 23 -22.63 -26.04 -8.04
N LYS A 24 -23.78 -26.44 -8.59
CA LYS A 24 -24.90 -26.87 -7.73
C LYS A 24 -24.58 -28.16 -7.01
N GLU A 25 -23.82 -29.06 -7.63
CA GLU A 25 -23.46 -30.29 -6.94
C GLU A 25 -22.49 -29.99 -5.80
N SER A 26 -21.52 -29.11 -6.02
CA SER A 26 -20.60 -28.74 -4.95
C SER A 26 -21.35 -28.13 -3.77
N LEU A 27 -22.34 -27.28 -4.03
CA LEU A 27 -23.10 -26.72 -2.93
C LEU A 27 -23.86 -27.81 -2.17
N ARG A 28 -24.50 -28.74 -2.89
CA ARG A 28 -25.20 -29.82 -2.19
C ARG A 28 -24.24 -30.67 -1.37
N LEU A 29 -23.03 -30.91 -1.88
CA LEU A 29 -22.05 -31.69 -1.16
C LEU A 29 -21.60 -30.96 0.10
N MET A 30 -21.45 -29.64 -0.01
CA MET A 30 -21.06 -28.82 1.12
C MET A 30 -22.09 -29.03 2.23
N GLN A 31 -23.37 -28.92 1.88
CA GLN A 31 -24.43 -29.12 2.86
C GLN A 31 -24.38 -30.53 3.43
N GLU A 32 -24.34 -31.54 2.55
CA GLU A 32 -24.38 -32.93 2.99
C GLU A 32 -23.20 -33.26 3.92
N ARG A 33 -22.01 -32.76 3.60
CA ARG A 33 -20.79 -33.19 4.27
C ARG A 33 -20.49 -32.42 5.55
N THR A 34 -20.99 -31.20 5.69
CA THR A 34 -20.67 -30.38 6.85
C THR A 34 -21.88 -30.09 7.71
N ALA A 35 -23.09 -30.39 7.23
CA ALA A 35 -24.34 -30.05 7.90
C ALA A 35 -24.48 -28.53 8.10
N SER A 36 -23.89 -27.75 7.20
CA SER A 36 -24.06 -26.31 7.25
C SER A 36 -25.51 -25.93 6.99
N GLU A 37 -25.99 -24.89 7.67
CA GLU A 37 -27.31 -24.34 7.43
C GLU A 37 -27.27 -22.95 6.83
N TYR A 38 -26.11 -22.28 6.84
CA TYR A 38 -25.91 -21.02 6.15
C TYR A 38 -24.79 -21.19 5.12
N VAL A 39 -24.91 -20.46 4.01
CA VAL A 39 -23.82 -20.35 3.05
C VAL A 39 -23.45 -18.88 2.94
N ILE A 40 -22.15 -18.59 3.06
CA ILE A 40 -21.61 -17.26 2.85
C ILE A 40 -21.11 -17.22 1.41
N VAL A 41 -21.75 -16.40 0.57
CA VAL A 41 -21.31 -16.28 -0.81
C VAL A 41 -20.32 -15.12 -0.86
N ALA A 42 -19.04 -15.45 -0.99
CA ALA A 42 -17.97 -14.47 -0.98
C ALA A 42 -17.56 -14.17 -2.41
N LEU A 43 -17.64 -12.89 -2.80
CA LEU A 43 -17.35 -12.43 -4.14
C LEU A 43 -16.29 -11.32 -4.07
N ALA A 44 -15.50 -11.19 -5.13
CA ALA A 44 -14.37 -10.25 -5.14
C ALA A 44 -14.40 -9.38 -6.39
N ALA A 45 -14.73 -8.11 -6.22
CA ALA A 45 -14.35 -7.12 -7.20
C ALA A 45 -12.82 -6.96 -7.19
N LEU A 46 -12.30 -6.30 -8.23
CA LEU A 46 -10.86 -6.09 -8.37
C LEU A 46 -10.55 -4.62 -8.55
N GLN A 47 -9.42 -4.19 -7.96
CA GLN A 47 -8.79 -2.91 -8.26
C GLN A 47 -7.32 -3.18 -8.56
N ASP A 48 -6.70 -2.28 -9.32
CA ASP A 48 -5.36 -2.59 -9.84
C ASP A 48 -4.33 -2.69 -8.72
N THR A 49 -4.36 -1.75 -7.76
CA THR A 49 -3.42 -1.78 -6.65
C THR A 49 -4.16 -1.41 -5.36
N ALA A 50 -3.47 -1.56 -4.23
CA ALA A 50 -4.03 -1.13 -2.94
C ALA A 50 -4.24 0.38 -2.87
N HIS A 51 -3.74 1.16 -3.83
CA HIS A 51 -3.87 2.61 -3.83
C HIS A 51 -4.55 3.13 -5.10
N SER A 52 -5.37 2.29 -5.74
CA SER A 52 -6.22 2.69 -6.86
C SER A 52 -7.64 2.94 -6.38
N THR A 53 -8.39 3.72 -7.16
CA THR A 53 -9.71 4.14 -6.71
C THR A 53 -10.87 3.50 -7.47
N GLU A 54 -10.61 2.82 -8.58
CA GLU A 54 -11.69 2.22 -9.37
C GLU A 54 -11.88 0.77 -8.93
N VAL A 55 -13.07 0.47 -8.41
CA VAL A 55 -13.43 -0.88 -7.99
C VAL A 55 -14.22 -1.51 -9.13
N ASP A 56 -13.65 -2.53 -9.75
CA ASP A 56 -14.19 -3.13 -10.98
C ASP A 56 -14.96 -4.40 -10.59
N PHE A 57 -16.28 -4.38 -10.80
CA PHE A 57 -17.07 -5.58 -10.64
C PHE A 57 -17.78 -5.99 -11.93
N GLN A 58 -17.46 -5.37 -13.06
CA GLN A 58 -18.15 -5.68 -14.30
C GLN A 58 -17.38 -6.65 -15.20
N GLY A 59 -16.10 -6.88 -14.94
CA GLY A 59 -15.36 -7.83 -15.75
C GLY A 59 -15.73 -9.27 -15.45
N SER A 60 -15.27 -10.17 -16.32
CA SER A 60 -15.67 -11.58 -16.23
C SER A 60 -15.06 -12.32 -15.04
N HIS A 61 -14.24 -11.67 -14.21
CA HIS A 61 -13.89 -12.28 -12.94
C HIS A 61 -15.10 -12.42 -12.02
N MET A 62 -16.15 -11.65 -12.26
CA MET A 62 -17.34 -11.66 -11.43
C MET A 62 -18.44 -12.49 -12.10
N VAL A 63 -19.13 -13.32 -11.29
CA VAL A 63 -20.35 -13.95 -11.76
C VAL A 63 -21.33 -12.86 -12.15
N ASP A 64 -22.15 -13.12 -13.16
CA ASP A 64 -23.12 -12.09 -13.47
C ASP A 64 -24.34 -12.18 -12.54
N ASP A 65 -25.16 -11.14 -12.58
CA ASP A 65 -26.29 -11.03 -11.67
C ASP A 65 -27.26 -12.20 -11.84
N ASP A 66 -27.57 -12.58 -13.08
CA ASP A 66 -28.53 -13.66 -13.31
C ASP A 66 -28.11 -14.94 -12.61
N GLU A 67 -26.85 -15.33 -12.77
CA GLU A 67 -26.41 -16.59 -12.20
C GLU A 67 -26.19 -16.47 -10.69
N LEU A 68 -25.89 -15.26 -10.21
CA LEU A 68 -25.82 -15.05 -8.76
C LEU A 68 -27.21 -15.25 -8.13
N ILE A 69 -28.24 -14.67 -8.76
CA ILE A 69 -29.60 -14.85 -8.26
C ILE A 69 -30.00 -16.32 -8.34
N GLU A 70 -29.66 -16.99 -9.44
CA GLU A 70 -30.00 -18.39 -9.59
C GLU A 70 -29.34 -19.24 -8.50
N LEU A 71 -28.05 -19.02 -8.24
CA LEU A 71 -27.38 -19.76 -7.16
C LEU A 71 -28.03 -19.47 -5.82
N ILE A 72 -28.32 -18.20 -5.53
CA ILE A 72 -28.95 -17.85 -4.26
C ILE A 72 -30.29 -18.57 -4.12
N ASP A 73 -31.14 -18.47 -5.14
CA ASP A 73 -32.42 -19.18 -5.08
C ASP A 73 -32.23 -20.69 -4.97
N TYR A 74 -31.19 -21.23 -5.61
CA TYR A 74 -30.93 -22.66 -5.46
C TYR A 74 -30.56 -22.99 -4.02
N ALA A 75 -29.70 -22.18 -3.39
CA ALA A 75 -29.32 -22.44 -2.01
C ALA A 75 -30.53 -22.43 -1.09
N LYS A 76 -31.49 -21.53 -1.35
CA LYS A 76 -32.70 -21.50 -0.54
C LYS A 76 -33.55 -22.76 -0.74
N SER A 77 -33.56 -23.28 -1.97
CA SER A 77 -34.33 -24.50 -2.21
C SER A 77 -33.73 -25.69 -1.46
N LEU A 78 -32.44 -25.64 -1.13
CA LEU A 78 -31.80 -26.65 -0.30
C LEU A 78 -32.09 -26.47 1.19
N GLY A 79 -32.76 -25.39 1.58
CA GLY A 79 -32.95 -25.07 2.97
C GLY A 79 -31.86 -24.23 3.60
N LEU A 80 -30.91 -23.72 2.81
CA LEU A 80 -29.83 -22.90 3.35
C LEU A 80 -30.27 -21.44 3.45
N LYS A 81 -29.81 -20.75 4.48
CA LYS A 81 -29.90 -19.30 4.53
C LYS A 81 -28.63 -18.70 3.94
N VAL A 82 -28.74 -17.49 3.40
CA VAL A 82 -27.71 -16.94 2.54
C VAL A 82 -27.16 -15.66 3.15
N ILE A 83 -25.83 -15.56 3.21
CA ILE A 83 -25.13 -14.35 3.60
C ILE A 83 -24.31 -13.91 2.38
N LEU A 84 -24.54 -12.69 1.91
CA LEU A 84 -23.83 -12.19 0.74
C LEU A 84 -22.69 -11.31 1.21
N LYS A 85 -21.48 -11.60 0.72
CA LYS A 85 -20.25 -10.96 1.18
C LYS A 85 -19.44 -10.48 -0.02
N PRO A 86 -19.72 -9.27 -0.52
CA PRO A 86 -18.95 -8.74 -1.65
C PRO A 86 -17.75 -7.94 -1.18
N THR A 87 -16.54 -8.43 -1.47
CA THR A 87 -15.36 -7.67 -1.05
C THR A 87 -14.50 -7.32 -2.26
N VAL A 88 -13.24 -6.98 -2.06
CA VAL A 88 -12.42 -6.51 -3.18
C VAL A 88 -11.01 -7.06 -3.02
N ASN A 89 -10.39 -7.40 -4.15
CA ASN A 89 -9.00 -7.84 -4.20
C ASN A 89 -8.22 -6.88 -5.07
N CYS A 90 -6.90 -6.92 -4.92
CA CYS A 90 -6.00 -6.11 -5.73
C CYS A 90 -5.39 -6.97 -6.81
N ARG A 91 -5.36 -6.45 -8.05
CA ARG A 91 -4.82 -7.22 -9.16
C ARG A 91 -3.35 -7.56 -8.94
N ASN A 92 -2.61 -6.71 -8.25
CA ASN A 92 -1.20 -7.02 -8.00
C ASN A 92 -1.01 -7.90 -6.78
N GLY A 93 -2.10 -8.44 -6.21
CA GLY A 93 -1.99 -9.44 -5.15
C GLY A 93 -1.90 -8.89 -3.74
N THR A 94 -1.86 -7.57 -3.57
CA THR A 94 -1.81 -7.00 -2.23
C THR A 94 -3.08 -7.34 -1.45
N TRP A 95 -2.90 -7.77 -0.21
CA TRP A 95 -4.00 -8.00 0.70
C TRP A 95 -4.82 -6.70 0.87
N ARG A 96 -6.15 -6.84 0.80
CA ARG A 96 -7.03 -5.68 0.81
C ARG A 96 -6.92 -4.89 2.12
N ALA A 97 -6.42 -5.51 3.19
CA ALA A 97 -6.19 -4.80 4.44
C ALA A 97 -5.24 -3.62 4.28
N HIS A 98 -4.45 -3.59 3.21
CA HIS A 98 -3.49 -2.52 2.97
C HIS A 98 -4.04 -1.40 2.10
N ILE A 99 -5.26 -1.54 1.58
CA ILE A 99 -5.89 -0.49 0.80
C ILE A 99 -5.88 0.78 1.63
N ASN A 100 -5.24 1.84 1.11
CA ASN A 100 -4.93 3.01 1.92
C ASN A 100 -4.71 4.20 0.99
N PHE A 101 -4.96 5.39 1.53
CA PHE A 101 -4.71 6.64 0.84
C PHE A 101 -4.18 7.62 1.87
N PHE A 102 -3.70 8.77 1.40
CA PHE A 102 -3.20 9.81 2.29
C PHE A 102 -4.32 10.29 3.22
N ASP A 103 -3.94 10.63 4.45
CA ASP A 103 -4.91 11.16 5.40
C ASP A 103 -5.57 12.43 4.86
N MET A 104 -4.78 13.30 4.27
CA MET A 104 -5.25 14.53 3.65
C MET A 104 -5.35 14.35 2.14
N ASP A 105 -6.15 15.21 1.50
CA ASP A 105 -6.29 15.19 0.05
C ASP A 105 -5.18 16.02 -0.58
N ILE A 106 -4.36 15.40 -1.41
CA ILE A 106 -3.27 16.06 -2.12
C ILE A 106 -3.68 16.22 -3.59
N PRO A 107 -3.60 17.42 -4.14
CA PRO A 107 -3.93 17.60 -5.57
C PRO A 107 -3.17 16.63 -6.45
N GLY A 108 -3.89 15.98 -7.35
CA GLY A 108 -3.34 14.97 -8.22
C GLY A 108 -3.26 13.57 -7.62
N GLU A 109 -3.31 13.43 -6.23
CA GLU A 109 -3.24 12.09 -5.62
C GLU A 109 -4.61 11.44 -5.55
N PRO A 110 -4.69 10.11 -5.64
CA PRO A 110 -5.97 9.43 -5.34
C PRO A 110 -6.35 9.70 -3.89
N THR A 111 -7.67 9.71 -3.64
CA THR A 111 -8.19 10.10 -2.33
C THR A 111 -9.17 9.07 -1.78
N TRP A 112 -9.40 9.14 -0.46
CA TRP A 112 -10.43 8.29 0.16
C TRP A 112 -11.80 8.52 -0.47
N ASP A 113 -12.16 9.77 -0.73
CA ASP A 113 -13.47 10.06 -1.29
C ASP A 113 -13.66 9.38 -2.63
N GLU A 114 -12.62 9.38 -3.47
CA GLU A 114 -12.72 8.74 -4.78
C GLU A 114 -12.86 7.23 -4.65
N TRP A 115 -12.05 6.61 -3.79
CA TRP A 115 -12.17 5.17 -3.59
C TRP A 115 -13.54 4.81 -3.03
N PHE A 116 -13.97 5.53 -1.98
CA PHE A 116 -15.25 5.23 -1.35
C PHE A 116 -16.42 5.45 -2.32
N GLU A 117 -16.32 6.40 -3.25
CA GLU A 117 -17.40 6.51 -4.22
C GLU A 117 -17.49 5.27 -5.10
N SER A 118 -16.35 4.75 -5.53
CA SER A 118 -16.38 3.54 -6.35
C SER A 118 -16.83 2.33 -5.53
N TYR A 119 -16.30 2.20 -4.31
CA TYR A 119 -16.66 1.07 -3.45
C TYR A 119 -18.14 1.10 -3.06
N ILE A 120 -18.69 2.27 -2.79
CA ILE A 120 -20.12 2.38 -2.47
C ILE A 120 -20.97 1.97 -3.67
N ASN A 121 -20.61 2.42 -4.87
CA ASN A 121 -21.35 2.02 -6.06
C ASN A 121 -21.40 0.49 -6.18
N TYR A 122 -20.28 -0.16 -5.92
CA TYR A 122 -20.21 -1.62 -5.93
C TYR A 122 -21.12 -2.23 -4.87
N GLN A 123 -21.03 -1.74 -3.64
CA GLN A 123 -21.81 -2.35 -2.54
C GLN A 123 -23.31 -2.16 -2.72
N LYS A 124 -23.73 -0.98 -3.19
CA LYS A 124 -25.14 -0.75 -3.43
C LYS A 124 -25.68 -1.68 -4.50
N HIS A 125 -24.86 -1.97 -5.52
CA HIS A 125 -25.28 -2.91 -6.55
C HIS A 125 -25.62 -4.27 -5.95
N TYR A 126 -24.75 -4.78 -5.08
CA TYR A 126 -25.01 -6.10 -4.50
C TYR A 126 -26.01 -6.03 -3.36
N ALA A 127 -26.13 -4.88 -2.70
CA ALA A 127 -27.18 -4.71 -1.70
C ALA A 127 -28.56 -4.86 -2.33
N LYS A 128 -28.72 -4.39 -3.58
CA LYS A 128 -29.99 -4.52 -4.27
C LYS A 128 -30.28 -5.97 -4.59
N ILE A 129 -29.25 -6.76 -4.93
CA ILE A 129 -29.44 -8.17 -5.20
C ILE A 129 -29.79 -8.92 -3.92
N ALA A 130 -29.08 -8.63 -2.82
CA ALA A 130 -29.39 -9.24 -1.53
C ALA A 130 -30.84 -8.96 -1.13
N GLU A 131 -31.36 -7.79 -1.51
CA GLU A 131 -32.70 -7.41 -1.14
C GLU A 131 -33.74 -8.20 -1.92
N LYS A 132 -33.59 -8.28 -3.24
CA LYS A 132 -34.58 -8.96 -4.07
C LYS A 132 -34.52 -10.48 -3.96
N THR A 133 -33.40 -11.04 -3.50
CA THR A 133 -33.32 -12.47 -3.24
C THR A 133 -33.54 -12.78 -1.76
N ASN A 134 -33.83 -11.78 -0.94
CA ASN A 134 -34.09 -11.97 0.50
C ASN A 134 -32.94 -12.69 1.20
N CYS A 135 -31.71 -12.29 0.88
CA CYS A 135 -30.57 -12.78 1.66
C CYS A 135 -30.75 -12.42 3.13
N GLU A 136 -30.39 -13.35 4.00
CA GLU A 136 -30.58 -13.13 5.43
C GLU A 136 -29.60 -12.07 5.97
N MET A 137 -28.43 -11.89 5.35
CA MET A 137 -27.46 -10.94 5.87
C MET A 137 -26.57 -10.44 4.72
N PHE A 138 -26.03 -9.23 4.91
CA PHE A 138 -25.16 -8.58 3.94
C PHE A 138 -23.92 -8.05 4.66
N VAL A 139 -22.74 -8.31 4.10
CA VAL A 139 -21.46 -7.94 4.70
C VAL A 139 -20.87 -6.82 3.86
N VAL A 140 -20.78 -5.61 4.44
CA VAL A 140 -20.38 -4.44 3.64
C VAL A 140 -18.88 -4.32 3.43
N GLY A 141 -18.07 -5.10 4.14
CA GLY A 141 -16.63 -5.04 3.94
C GLY A 141 -15.92 -6.14 4.69
N CYS A 142 -14.68 -6.40 4.29
CA CYS A 142 -13.92 -7.55 4.79
C CYS A 142 -12.48 -7.13 5.05
N GLU A 143 -12.07 -7.20 6.32
CA GLU A 143 -10.67 -7.07 6.71
C GLU A 143 -10.03 -5.80 6.18
N MET A 144 -10.78 -4.71 6.14
CA MET A 144 -10.28 -3.46 5.58
C MET A 144 -9.53 -2.65 6.64
N VAL A 145 -8.40 -3.20 7.10
CA VAL A 145 -7.80 -2.73 8.36
C VAL A 145 -7.44 -1.24 8.27
N GLN A 146 -6.70 -0.84 7.22
CA GLN A 146 -6.27 0.54 7.15
C GLN A 146 -7.44 1.50 6.88
N ALA A 147 -8.46 1.04 6.14
CA ALA A 147 -9.61 1.88 5.85
C ALA A 147 -10.57 2.03 7.03
N GLU A 148 -10.47 1.15 8.03
CA GLU A 148 -11.38 1.21 9.18
C GLU A 148 -11.34 2.56 9.88
N ARG A 149 -10.18 3.24 9.84
CA ARG A 149 -10.04 4.55 10.50
C ARG A 149 -10.95 5.63 9.90
N ARG A 150 -11.39 5.50 8.65
CA ARG A 150 -12.25 6.51 8.03
C ARG A 150 -13.70 6.25 8.45
N GLU A 151 -13.95 6.50 9.74
CA GLU A 151 -15.22 6.11 10.35
C GLU A 151 -16.40 6.80 9.67
N ASP A 152 -16.23 8.08 9.34
CA ASP A 152 -17.28 8.85 8.67
C ASP A 152 -17.68 8.18 7.36
N LYS A 153 -16.70 7.74 6.57
CA LYS A 153 -17.00 7.14 5.28
C LYS A 153 -17.72 5.80 5.44
N TRP A 154 -17.32 4.99 6.42
CA TRP A 154 -18.00 3.70 6.60
C TRP A 154 -19.45 3.90 7.04
N ARG A 155 -19.69 4.86 7.92
CA ARG A 155 -21.06 5.19 8.29
C ARG A 155 -21.86 5.63 7.07
N GLU A 156 -21.24 6.42 6.19
CA GLU A 156 -21.91 6.85 4.97
C GLU A 156 -22.25 5.66 4.08
N LEU A 157 -21.33 4.70 3.98
CA LEU A 157 -21.57 3.52 3.16
C LEU A 157 -22.71 2.70 3.72
N ILE A 158 -22.73 2.50 5.04
CA ILE A 158 -23.79 1.69 5.65
C ILE A 158 -25.14 2.36 5.46
N ALA A 159 -25.21 3.68 5.63
CA ALA A 159 -26.46 4.38 5.37
C ALA A 159 -26.93 4.13 3.94
N GLU A 160 -25.99 4.15 3.00
CA GLU A 160 -26.32 3.91 1.61
C GLU A 160 -26.78 2.47 1.39
N VAL A 161 -26.22 1.52 2.13
CA VAL A 161 -26.67 0.14 1.98
C VAL A 161 -28.07 -0.01 2.56
N ARG A 162 -28.38 0.72 3.64
CA ARG A 162 -29.71 0.63 4.26
C ARG A 162 -30.81 1.14 3.33
N LYS A 163 -30.48 2.02 2.39
CA LYS A 163 -31.49 2.49 1.44
C LYS A 163 -31.89 1.40 0.44
N ASP A 164 -31.03 0.42 0.21
CA ASP A 164 -31.30 -0.67 -0.72
C ASP A 164 -31.76 -1.96 -0.07
N TYR A 165 -31.44 -2.19 1.20
CA TYR A 165 -31.52 -3.53 1.78
C TYR A 165 -32.10 -3.47 3.20
N ARG A 166 -33.16 -4.25 3.44
CA ARG A 166 -33.86 -4.24 4.73
C ARG A 166 -33.29 -5.20 5.78
N GLY A 167 -32.43 -6.16 5.38
CA GLY A 167 -32.02 -7.22 6.27
C GLY A 167 -30.84 -6.88 7.16
N LEU A 168 -30.23 -7.92 7.73
CA LEU A 168 -29.13 -7.73 8.66
C LEU A 168 -27.86 -7.31 7.92
N VAL A 169 -27.22 -6.25 8.41
CA VAL A 169 -26.01 -5.71 7.80
C VAL A 169 -24.88 -5.86 8.81
N THR A 170 -23.73 -6.37 8.35
CA THR A 170 -22.57 -6.51 9.20
C THR A 170 -21.33 -5.99 8.46
N TYR A 171 -20.27 -5.79 9.23
CA TYR A 171 -18.95 -5.53 8.70
C TYR A 171 -18.01 -6.60 9.23
N ASN A 172 -17.16 -7.14 8.36
CA ASN A 172 -16.23 -8.23 8.70
C ASN A 172 -14.87 -7.61 8.96
N THR A 173 -14.57 -7.35 10.24
CA THR A 173 -13.25 -6.82 10.57
C THR A 173 -12.24 -7.97 10.65
N ASP A 174 -10.95 -7.62 10.64
CA ASP A 174 -9.90 -8.62 10.69
C ASP A 174 -9.61 -9.04 12.13
N LYS A 175 -8.96 -10.21 12.26
CA LYS A 175 -8.42 -10.67 13.53
C LYS A 175 -7.76 -9.52 14.29
N TYR A 176 -8.01 -9.47 15.61
CA TYR A 176 -7.44 -8.53 16.58
C TYR A 176 -8.00 -7.12 16.46
N GLN A 177 -8.90 -6.84 15.51
CA GLN A 177 -9.43 -5.48 15.34
C GLN A 177 -10.83 -5.29 15.90
N GLU A 178 -11.40 -6.30 16.58
CA GLU A 178 -12.79 -6.18 17.05
C GLU A 178 -12.97 -4.99 17.96
N ASP A 179 -11.96 -4.65 18.76
CA ASP A 179 -12.00 -3.56 19.72
C ASP A 179 -11.58 -2.23 19.11
N ASN A 180 -11.21 -2.20 17.82
CA ASN A 180 -10.79 -0.97 17.16
C ASN A 180 -11.85 -0.37 16.24
N VAL A 181 -12.81 -1.15 15.77
CA VAL A 181 -13.86 -0.63 14.92
C VAL A 181 -14.77 0.28 15.75
N LYS A 182 -14.97 1.51 15.25
CA LYS A 182 -15.73 2.52 15.97
C LYS A 182 -17.18 2.64 15.53
N PHE A 183 -17.68 1.80 14.60
CA PHE A 183 -19.00 2.02 14.04
C PHE A 183 -19.89 0.78 14.17
N TRP A 184 -19.64 -0.09 15.15
CA TRP A 184 -20.50 -1.26 15.37
C TRP A 184 -21.93 -0.84 15.61
N ASP A 185 -22.14 0.31 16.25
CA ASP A 185 -23.48 0.80 16.52
C ASP A 185 -24.28 1.04 15.24
N ALA A 186 -23.63 1.21 14.09
CA ALA A 186 -24.37 1.38 12.85
C ALA A 186 -24.75 0.06 12.19
N LEU A 187 -24.37 -1.07 12.80
CA LEU A 187 -24.57 -2.39 12.22
C LEU A 187 -25.54 -3.21 13.06
N ASP A 188 -26.08 -4.26 12.46
CA ASP A 188 -26.93 -5.17 13.22
C ASP A 188 -26.17 -6.36 13.81
N VAL A 189 -25.07 -6.77 13.18
CA VAL A 189 -24.32 -7.94 13.60
C VAL A 189 -22.86 -7.57 13.59
N ILE A 190 -22.14 -8.00 14.63
CA ILE A 190 -20.71 -7.79 14.77
C ILE A 190 -20.00 -9.05 14.28
N SER A 191 -18.96 -8.88 13.46
CA SER A 191 -18.30 -10.06 12.91
C SER A 191 -16.82 -9.79 12.68
N SER A 192 -16.04 -10.86 12.67
CA SER A 192 -14.61 -10.74 12.44
C SER A 192 -14.09 -12.01 11.78
N SER A 193 -12.87 -11.91 11.25
CA SER A 193 -12.14 -13.05 10.70
C SER A 193 -11.38 -13.67 11.87
N GLY A 194 -11.91 -14.78 12.39
CA GLY A 194 -11.37 -15.35 13.61
C GLY A 194 -10.20 -16.29 13.42
N TYR A 195 -9.18 -15.85 12.67
CA TYR A 195 -7.97 -16.65 12.42
C TYR A 195 -6.99 -16.48 13.59
N TYR A 196 -7.38 -17.06 14.74
CA TYR A 196 -6.55 -16.94 15.92
C TYR A 196 -5.69 -18.18 16.11
N PRO A 197 -4.47 -17.98 16.60
CA PRO A 197 -3.54 -19.11 16.77
C PRO A 197 -4.17 -20.18 17.64
N ILE A 198 -3.85 -21.42 17.31
CA ILE A 198 -4.36 -22.57 18.06
C ILE A 198 -4.03 -22.51 19.55
N ASN A 199 -3.01 -21.74 19.95
CA ASN A 199 -2.61 -21.67 21.35
C ASN A 199 -2.93 -20.33 22.00
N ASP A 200 -3.78 -19.50 21.38
CA ASP A 200 -4.07 -18.19 21.98
C ASP A 200 -5.57 -17.87 22.04
N TRP A 201 -6.43 -18.90 22.08
CA TRP A 201 -7.87 -18.64 22.09
C TRP A 201 -8.34 -17.98 23.39
N ASP A 202 -7.81 -18.41 24.55
CA ASP A 202 -8.29 -17.88 25.82
C ASP A 202 -8.17 -16.36 25.87
N ARG A 203 -6.98 -15.86 25.56
CA ARG A 203 -6.75 -14.42 25.59
C ARG A 203 -7.62 -13.69 24.58
N GLN A 204 -7.75 -14.23 23.37
CA GLN A 204 -8.46 -13.49 22.34
C GLN A 204 -9.95 -13.49 22.58
N LEU A 205 -10.50 -14.61 23.05
CA LEU A 205 -11.91 -14.66 23.36
C LEU A 205 -12.24 -13.73 24.52
N ASP A 206 -11.35 -13.63 25.52
CA ASP A 206 -11.57 -12.64 26.58
C ASP A 206 -11.62 -11.22 26.03
N ARG A 207 -10.72 -10.90 25.10
CA ARG A 207 -10.70 -9.57 24.49
C ARG A 207 -11.98 -9.30 23.72
N ILE A 208 -12.41 -10.25 22.89
CA ILE A 208 -13.58 -10.02 22.04
C ILE A 208 -14.85 -10.01 22.87
N GLU A 209 -14.93 -10.86 23.90
CA GLU A 209 -16.11 -10.88 24.76
C GLU A 209 -16.41 -9.49 25.32
N ALA A 210 -15.37 -8.75 25.70
CA ALA A 210 -15.59 -7.44 26.32
C ALA A 210 -16.17 -6.45 25.32
N VAL A 211 -15.80 -6.56 24.03
CA VAL A 211 -16.44 -5.74 23.00
C VAL A 211 -17.91 -6.11 22.87
N VAL A 212 -18.18 -7.42 22.71
CA VAL A 212 -19.52 -7.89 22.37
C VAL A 212 -20.52 -7.57 23.47
N LYS A 213 -20.10 -7.68 24.73
CA LYS A 213 -20.99 -7.39 25.85
C LYS A 213 -21.40 -5.91 25.94
N GLN A 214 -20.83 -5.03 25.14
CA GLN A 214 -21.25 -3.63 25.16
C GLN A 214 -22.42 -3.36 24.22
N TYR A 215 -22.81 -4.31 23.39
CA TYR A 215 -23.87 -4.13 22.41
C TYR A 215 -24.96 -5.18 22.60
N ASP A 216 -26.14 -4.90 22.05
CA ASP A 216 -27.22 -5.87 21.97
C ASP A 216 -27.25 -6.56 20.62
N LYS A 217 -26.08 -7.00 20.14
CA LYS A 217 -25.93 -7.48 18.78
C LYS A 217 -25.28 -8.86 18.77
N PRO A 218 -25.76 -9.76 17.93
CA PRO A 218 -25.09 -11.05 17.78
C PRO A 218 -23.69 -10.88 17.19
N PHE A 219 -22.82 -11.81 17.56
CA PHE A 219 -21.45 -11.85 17.07
C PHE A 219 -21.21 -13.21 16.45
N PHE A 220 -20.46 -13.24 15.33
CA PHE A 220 -20.01 -14.52 14.81
C PHE A 220 -18.77 -14.33 13.96
N PHE A 221 -18.00 -15.41 13.85
CA PHE A 221 -16.75 -15.42 13.09
C PHE A 221 -17.11 -15.68 11.64
N VAL A 222 -17.44 -14.61 10.91
CA VAL A 222 -17.94 -14.73 9.54
C VAL A 222 -16.89 -15.34 8.60
N ALA A 223 -15.61 -15.26 8.95
CA ALA A 223 -14.60 -16.11 8.32
C ALA A 223 -13.77 -16.75 9.42
N ALA A 224 -13.39 -18.01 9.19
CA ALA A 224 -12.57 -18.79 10.10
C ALA A 224 -12.17 -20.06 9.36
N GLY A 225 -10.99 -20.58 9.65
CA GLY A 225 -10.54 -21.78 8.98
C GLY A 225 -9.03 -21.93 9.06
N CYS A 226 -8.53 -22.94 8.36
CA CYS A 226 -7.11 -23.26 8.44
C CYS A 226 -6.71 -24.19 7.30
N PRO A 227 -5.66 -23.88 6.55
CA PRO A 227 -5.21 -24.80 5.50
C PRO A 227 -4.59 -26.05 6.10
N SER A 228 -4.62 -27.15 5.33
CA SER A 228 -3.99 -28.41 5.75
C SER A 228 -2.49 -28.34 5.45
N ARG A 229 -1.79 -27.56 6.29
CA ARG A 229 -0.40 -27.23 6.08
C ARG A 229 0.32 -27.13 7.43
N SER A 230 1.53 -27.70 7.51
CA SER A 230 2.30 -27.60 8.74
C SER A 230 2.71 -26.15 9.00
N GLY A 231 2.41 -25.66 10.19
CA GLY A 231 2.64 -24.28 10.54
C GLY A 231 1.40 -23.43 10.48
N SER A 232 0.33 -23.91 9.85
CA SER A 232 -0.86 -23.08 9.65
C SER A 232 -1.64 -22.89 10.94
N ALA A 233 -1.61 -23.87 11.86
CA ALA A 233 -2.41 -23.77 13.08
C ALA A 233 -2.02 -22.56 13.92
N LEU A 234 -0.78 -22.10 13.81
CA LEU A 234 -0.36 -20.88 14.48
C LEU A 234 -0.66 -19.62 13.66
N LEU A 235 -0.72 -19.73 12.34
CA LEU A 235 -0.98 -18.58 11.45
C LEU A 235 -2.02 -18.98 10.42
N PRO A 236 -3.26 -19.20 10.84
CA PRO A 236 -4.25 -19.81 9.93
C PRO A 236 -4.77 -18.88 8.84
N ASN A 237 -4.62 -17.57 9.02
CA ASN A 237 -4.98 -16.59 7.99
C ASN A 237 -3.99 -16.60 6.82
N LYS A 238 -2.77 -17.07 7.03
CA LYS A 238 -1.72 -16.85 6.02
C LYS A 238 -1.91 -17.87 4.91
N TRP A 239 -2.65 -17.47 3.89
CA TRP A 239 -2.94 -18.40 2.81
C TRP A 239 -1.69 -18.79 2.01
N ASP A 240 -0.64 -17.96 2.03
CA ASP A 240 0.58 -18.26 1.30
C ASP A 240 1.69 -18.77 2.21
N LEU A 241 1.33 -19.26 3.40
CA LEU A 241 2.31 -19.81 4.32
C LEU A 241 3.03 -20.99 3.68
N GLU A 242 4.36 -20.98 3.73
CA GLU A 242 5.16 -22.08 3.20
C GLU A 242 5.27 -23.17 4.26
N GLY A 243 4.74 -24.34 3.94
CA GLY A 243 4.81 -25.48 4.83
C GLY A 243 4.34 -26.72 4.11
N ALA A 244 4.74 -27.87 4.61
CA ALA A 244 4.40 -29.10 3.93
C ALA A 244 2.97 -29.54 4.29
N ILE A 245 2.45 -30.47 3.49
CA ILE A 245 1.07 -30.89 3.67
C ILE A 245 0.86 -31.48 5.06
N ASN A 246 -0.27 -31.15 5.68
CA ASN A 246 -0.58 -31.67 7.02
C ASN A 246 -2.09 -31.53 7.26
N LEU A 247 -2.82 -32.60 6.94
CA LEU A 247 -4.27 -32.64 7.18
C LEU A 247 -4.58 -32.88 8.65
N GLN A 248 -3.67 -33.53 9.38
CA GLN A 248 -3.90 -33.72 10.81
C GLN A 248 -3.91 -32.38 11.53
N GLU A 249 -2.99 -31.47 11.18
CA GLU A 249 -2.92 -30.19 11.86
C GLU A 249 -4.17 -29.37 11.60
N GLN A 250 -4.71 -29.44 10.38
CA GLN A 250 -5.94 -28.72 10.08
C GLN A 250 -7.09 -29.21 10.96
N ALA A 251 -7.24 -30.53 11.09
CA ALA A 251 -8.31 -31.07 11.92
C ALA A 251 -8.11 -30.71 13.38
N ASP A 252 -6.85 -30.69 13.84
CA ASP A 252 -6.53 -30.25 15.19
C ASP A 252 -6.98 -28.81 15.43
N TYR A 253 -6.69 -27.94 14.46
CA TYR A 253 -7.06 -26.55 14.60
C TYR A 253 -8.56 -26.40 14.81
N TYR A 254 -9.34 -27.12 14.00
CA TYR A 254 -10.79 -27.04 14.11
C TYR A 254 -11.29 -27.58 15.43
N GLN A 255 -10.70 -28.68 15.91
CA GLN A 255 -11.14 -29.25 17.17
C GLN A 255 -10.91 -28.28 18.33
N VAL A 256 -9.76 -27.62 18.36
CA VAL A 256 -9.48 -26.65 19.43
C VAL A 256 -10.40 -25.45 19.30
N MET A 257 -10.56 -24.92 18.08
CA MET A 257 -11.41 -23.75 17.89
C MET A 257 -12.83 -24.01 18.38
N PHE A 258 -13.40 -25.16 18.02
CA PHE A 258 -14.75 -25.47 18.44
C PHE A 258 -14.82 -25.72 19.95
N GLU A 259 -13.87 -26.47 20.50
CA GLU A 259 -13.87 -26.72 21.94
C GLU A 259 -13.77 -25.41 22.74
N LYS A 260 -12.94 -24.48 22.28
CA LYS A 260 -12.77 -23.22 23.01
C LYS A 260 -14.00 -22.34 22.92
N THR A 261 -14.62 -22.25 21.74
CA THR A 261 -15.74 -21.33 21.54
C THR A 261 -17.09 -21.92 21.90
N ALA A 262 -17.21 -23.25 21.95
CA ALA A 262 -18.49 -23.89 22.26
C ALA A 262 -19.03 -23.42 23.61
N SER A 263 -18.15 -23.19 24.58
CA SER A 263 -18.56 -22.78 25.92
C SER A 263 -18.75 -21.27 26.04
N ARG A 264 -18.60 -20.52 24.95
CA ARG A 264 -18.75 -19.06 25.00
C ARG A 264 -20.08 -18.76 24.31
N SER A 265 -21.12 -18.50 25.11
CA SER A 265 -22.48 -18.37 24.58
C SER A 265 -22.60 -17.27 23.55
N TRP A 266 -21.73 -16.27 23.59
CA TRP A 266 -21.82 -15.14 22.68
C TRP A 266 -21.15 -15.39 21.34
N VAL A 267 -20.33 -16.43 21.20
CA VAL A 267 -19.84 -16.80 19.88
C VAL A 267 -21.02 -17.41 19.12
N GLY A 268 -21.53 -16.69 18.13
CA GLY A 268 -22.79 -17.01 17.48
C GLY A 268 -22.71 -17.76 16.17
N GLY A 269 -21.55 -18.25 15.78
CA GLY A 269 -21.46 -19.07 14.59
C GLY A 269 -20.18 -18.82 13.81
N PHE A 270 -20.14 -19.43 12.63
CA PHE A 270 -18.95 -19.39 11.79
C PHE A 270 -19.36 -19.30 10.32
N GLY A 271 -18.54 -18.63 9.53
CA GLY A 271 -18.55 -18.79 8.09
C GLY A 271 -17.24 -19.41 7.64
N LEU A 272 -17.15 -20.74 7.73
CA LEU A 272 -15.86 -21.39 7.59
C LEU A 272 -15.30 -21.21 6.19
N TRP A 273 -13.98 -21.04 6.12
CA TRP A 273 -13.27 -20.70 4.88
C TRP A 273 -12.43 -21.88 4.45
N ASP A 274 -12.70 -22.45 3.26
CA ASP A 274 -13.81 -22.12 2.34
C ASP A 274 -14.13 -23.37 1.50
N TRP A 275 -15.29 -23.38 0.84
CA TRP A 275 -15.71 -24.51 0.01
C TRP A 275 -15.72 -24.07 -1.45
N GLN A 276 -14.87 -24.67 -2.27
CA GLN A 276 -14.72 -24.22 -3.64
C GLN A 276 -15.92 -24.59 -4.49
N THR A 277 -16.25 -23.69 -5.43
CA THR A 277 -17.29 -23.96 -6.41
C THR A 277 -16.92 -25.17 -7.27
N TYR A 278 -15.71 -25.18 -7.79
CA TYR A 278 -15.20 -26.28 -8.61
C TYR A 278 -14.23 -27.05 -7.71
N LEU A 279 -14.75 -28.12 -7.12
CA LEU A 279 -14.05 -28.90 -6.11
C LEU A 279 -13.01 -29.81 -6.75
N TYR A 280 -11.91 -30.02 -6.02
CA TYR A 280 -10.97 -31.08 -6.38
C TYR A 280 -11.63 -32.45 -6.23
N ASP A 281 -11.06 -33.45 -6.88
CA ASP A 281 -11.56 -34.81 -6.75
C ASP A 281 -11.30 -35.31 -5.34
N GLU A 282 -12.30 -35.99 -4.75
CA GLU A 282 -12.13 -36.47 -3.37
C GLU A 282 -10.90 -37.35 -3.22
N LYS A 283 -10.55 -38.12 -4.27
CA LYS A 283 -9.36 -38.97 -4.19
C LYS A 283 -8.07 -38.17 -4.12
N ASP A 284 -8.11 -36.87 -4.39
CA ASP A 284 -6.94 -36.02 -4.23
C ASP A 284 -6.94 -35.24 -2.92
N ALA A 285 -7.96 -35.43 -2.07
CA ALA A 285 -8.07 -34.66 -0.84
C ALA A 285 -6.81 -34.80 0.00
N THR A 286 -6.24 -36.00 0.02
CA THR A 286 -5.12 -36.34 0.86
C THR A 286 -3.82 -35.67 0.41
N LYS A 287 -3.82 -35.03 -0.77
CA LYS A 287 -2.67 -34.32 -1.28
C LYS A 287 -2.90 -32.81 -1.38
N ASN A 288 -4.02 -32.33 -0.85
CA ASN A 288 -4.43 -30.93 -0.97
C ASN A 288 -4.05 -30.17 0.29
N ASP A 289 -3.40 -29.02 0.14
CA ASP A 289 -2.87 -28.25 1.26
C ASP A 289 -3.57 -26.90 1.43
N ASP A 290 -4.78 -26.79 0.91
CA ASP A 290 -5.57 -25.57 0.84
C ASP A 290 -6.55 -25.51 2.02
N TYR A 291 -7.37 -24.47 2.04
CA TYR A 291 -8.34 -24.30 3.11
C TYR A 291 -9.43 -25.35 3.10
N GLY A 292 -9.70 -25.96 1.94
CA GLY A 292 -10.84 -26.85 1.84
C GLY A 292 -10.79 -27.97 2.85
N VAL A 293 -11.98 -28.49 3.15
CA VAL A 293 -12.14 -29.62 4.06
C VAL A 293 -12.73 -30.84 3.38
N PHE A 294 -13.22 -30.72 2.14
CA PHE A 294 -13.83 -31.85 1.44
C PHE A 294 -12.91 -33.05 1.42
N GLY A 295 -13.42 -34.19 1.91
CA GLY A 295 -12.65 -35.42 1.94
C GLY A 295 -11.56 -35.50 2.99
N LYS A 296 -11.47 -34.53 3.90
CA LYS A 296 -10.39 -34.48 4.87
C LYS A 296 -10.90 -34.77 6.29
N PRO A 297 -10.00 -35.14 7.20
CA PRO A 297 -10.44 -35.32 8.60
C PRO A 297 -11.17 -34.11 9.17
N ALA A 298 -10.76 -32.89 8.81
CA ALA A 298 -11.46 -31.71 9.31
C ALA A 298 -12.94 -31.75 8.98
N GLU A 299 -13.29 -32.37 7.85
CA GLU A 299 -14.69 -32.48 7.45
C GLU A 299 -15.52 -33.21 8.50
N ARG A 300 -14.97 -34.28 9.08
CA ARG A 300 -15.68 -35.02 10.11
C ARG A 300 -15.81 -34.20 11.40
N VAL A 301 -14.76 -33.47 11.77
CA VAL A 301 -14.83 -32.61 12.97
C VAL A 301 -15.94 -31.57 12.80
N ILE A 302 -16.02 -30.94 11.63
CA ILE A 302 -16.98 -29.86 11.41
C ILE A 302 -18.40 -30.40 11.46
N LYS A 303 -18.66 -31.49 10.71
CA LYS A 303 -20.00 -32.07 10.72
C LYS A 303 -20.44 -32.45 12.13
N ALA A 304 -19.54 -33.09 12.89
CA ALA A 304 -19.90 -33.50 14.25
C ALA A 304 -20.25 -32.29 15.12
N TYR A 305 -19.45 -31.22 15.01
CA TYR A 305 -19.74 -30.07 15.84
C TYR A 305 -21.01 -29.37 15.40
N TYR A 306 -21.18 -29.18 14.09
CA TYR A 306 -22.35 -28.47 13.59
C TYR A 306 -23.63 -29.21 13.96
N GLN A 307 -23.61 -30.55 13.90
CA GLN A 307 -24.79 -31.33 14.24
C GLN A 307 -25.09 -31.31 15.73
N SER A 308 -24.09 -31.03 16.58
CA SER A 308 -24.30 -30.92 18.01
C SER A 308 -24.86 -29.57 18.44
N ARG A 309 -24.91 -28.58 17.56
CA ARG A 309 -25.32 -27.24 17.94
C ARG A 309 -26.75 -26.93 17.52
N MET B 1 23.61 29.40 4.51
CA MET B 1 23.70 28.41 3.42
C MET B 1 23.72 29.12 2.07
N GLU B 2 24.80 28.94 1.32
CA GLU B 2 24.88 29.49 -0.02
C GLU B 2 23.82 28.85 -0.91
N PHE B 3 23.46 29.56 -1.98
CA PHE B 3 22.45 29.07 -2.90
C PHE B 3 22.94 27.79 -3.59
N ILE B 4 22.09 26.76 -3.56
CA ILE B 4 22.44 25.46 -4.10
C ILE B 4 21.97 25.38 -5.55
N LYS B 5 22.93 25.39 -6.48
CA LYS B 5 22.64 25.21 -7.91
C LYS B 5 22.86 23.74 -8.22
N GLY B 6 21.83 22.93 -7.94
CA GLY B 6 22.03 21.50 -7.98
C GLY B 6 21.28 20.80 -9.09
N PHE B 7 21.76 19.63 -9.46
CA PHE B 7 21.07 18.75 -10.40
C PHE B 7 21.20 17.32 -9.90
N THR B 8 20.13 16.53 -10.07
CA THR B 8 20.11 15.14 -9.63
C THR B 8 20.71 14.24 -10.71
N PHE B 9 21.52 13.28 -10.27
CA PHE B 9 22.29 12.39 -11.13
C PHE B 9 22.24 10.97 -10.58
N GLY B 10 22.28 10.00 -11.47
CA GLY B 10 22.45 8.61 -11.10
C GLY B 10 21.18 7.83 -10.80
N TRP B 11 20.00 8.41 -11.00
CA TRP B 11 18.77 7.75 -10.62
C TRP B 11 18.53 6.46 -11.42
N ASP B 12 19.00 6.42 -12.66
CA ASP B 12 18.89 5.25 -13.53
C ASP B 12 20.02 4.25 -13.32
N SER B 13 20.93 4.50 -12.38
CA SER B 13 22.14 3.71 -12.30
C SER B 13 21.85 2.28 -11.85
N GLN B 14 22.68 1.37 -12.34
CA GLN B 14 22.72 -0.02 -11.89
C GLN B 14 24.14 -0.32 -11.47
N LYS B 15 24.33 -1.50 -10.88
CA LYS B 15 25.68 -1.90 -10.47
C LYS B 15 26.63 -1.83 -11.66
N GLY B 16 27.79 -1.22 -11.44
CA GLY B 16 28.78 -1.07 -12.49
C GLY B 16 28.71 0.21 -13.30
N TYR B 17 27.61 0.98 -13.21
CA TYR B 17 27.48 2.17 -14.05
C TYR B 17 28.51 3.24 -13.68
N PHE B 18 28.82 3.38 -12.40
CA PHE B 18 29.63 4.50 -11.96
C PHE B 18 31.12 4.29 -12.18
N LYS B 19 31.53 3.09 -12.59
CA LYS B 19 32.90 2.82 -13.02
C LYS B 19 33.22 3.38 -14.41
N THR B 20 32.22 3.74 -15.20
CA THR B 20 32.39 3.86 -16.63
C THR B 20 32.69 5.30 -17.04
N GLU B 21 33.50 5.43 -18.11
CA GLU B 21 33.69 6.71 -18.77
C GLU B 21 32.36 7.32 -19.19
N ARG B 22 31.37 6.49 -19.52
CA ARG B 22 30.08 6.97 -19.98
C ARG B 22 29.37 7.76 -18.88
N ALA B 23 29.43 7.28 -17.63
CA ALA B 23 28.84 8.00 -16.52
C ALA B 23 29.55 9.33 -16.28
N LYS B 24 30.88 9.33 -16.39
CA LYS B 24 31.66 10.53 -16.15
C LYS B 24 31.41 11.58 -17.23
N GLU B 25 31.34 11.17 -18.49
CA GLU B 25 31.03 12.10 -19.57
C GLU B 25 29.64 12.71 -19.38
N SER B 26 28.66 11.90 -19.01
CA SER B 26 27.35 12.43 -18.70
C SER B 26 27.41 13.45 -17.59
N LEU B 27 28.22 13.18 -16.55
CA LEU B 27 28.30 14.11 -15.44
C LEU B 27 28.98 15.41 -15.87
N ARG B 28 30.00 15.32 -16.74
CA ARG B 28 30.63 16.53 -17.24
C ARG B 28 29.64 17.37 -18.05
N LEU B 29 28.83 16.72 -18.89
CA LEU B 29 27.85 17.46 -19.67
C LEU B 29 26.81 18.13 -18.78
N MET B 30 26.41 17.47 -17.69
CA MET B 30 25.47 18.09 -16.78
C MET B 30 26.02 19.41 -16.27
N GLN B 31 27.25 19.40 -15.75
CA GLN B 31 27.87 20.62 -15.28
C GLN B 31 28.01 21.65 -16.39
N GLU B 32 28.45 21.21 -17.57
CA GLU B 32 28.69 22.15 -18.66
C GLU B 32 27.39 22.78 -19.14
N ARG B 33 26.35 21.96 -19.36
CA ARG B 33 25.13 22.47 -19.98
C ARG B 33 24.26 23.27 -19.01
N THR B 34 24.35 23.02 -17.70
CA THR B 34 23.44 23.64 -16.76
C THR B 34 24.09 24.63 -15.81
N ALA B 35 25.42 24.67 -15.74
CA ALA B 35 26.17 25.45 -14.74
C ALA B 35 25.84 25.05 -13.30
N SER B 36 25.40 23.81 -13.07
CA SER B 36 25.23 23.34 -11.70
C SER B 36 26.55 23.35 -10.94
N GLU B 37 26.49 23.67 -9.65
CA GLU B 37 27.64 23.57 -8.76
C GLU B 37 27.49 22.49 -7.70
N TYR B 38 26.32 21.83 -7.64
CA TYR B 38 26.10 20.68 -6.78
C TYR B 38 25.55 19.55 -7.64
N VAL B 39 25.91 18.32 -7.26
CA VAL B 39 25.24 17.15 -7.81
C VAL B 39 24.53 16.44 -6.67
N ILE B 40 23.27 16.08 -6.88
CA ILE B 40 22.52 15.27 -5.92
C ILE B 40 22.56 13.84 -6.43
N VAL B 41 23.30 12.97 -5.73
CA VAL B 41 23.41 11.57 -6.11
C VAL B 41 22.26 10.82 -5.45
N ALA B 42 21.24 10.48 -6.25
CA ALA B 42 20.05 9.81 -5.76
C ALA B 42 20.13 8.34 -6.14
N LEU B 43 20.18 7.48 -5.13
CA LEU B 43 20.23 6.04 -5.34
C LEU B 43 18.96 5.41 -4.77
N ALA B 44 18.60 4.26 -5.31
CA ALA B 44 17.36 3.61 -4.93
C ALA B 44 17.68 2.17 -4.55
N ALA B 45 17.63 1.88 -3.26
CA ALA B 45 17.52 0.51 -2.81
C ALA B 45 16.15 -0.02 -3.21
N LEU B 46 15.98 -1.35 -3.13
CA LEU B 46 14.73 -2.00 -3.50
C LEU B 46 14.15 -2.77 -2.33
N GLN B 47 12.83 -2.71 -2.20
CA GLN B 47 12.09 -3.68 -1.42
C GLN B 47 10.98 -4.24 -2.30
N ASP B 48 10.49 -5.42 -1.93
CA ASP B 48 9.57 -6.15 -2.81
C ASP B 48 8.27 -5.40 -3.02
N THR B 49 7.60 -5.01 -1.92
CA THR B 49 6.34 -4.28 -1.99
C THR B 49 6.36 -3.14 -0.97
N ALA B 50 5.29 -2.36 -0.95
CA ALA B 50 5.14 -1.28 0.01
C ALA B 50 5.00 -1.79 1.44
N HIS B 51 4.84 -3.10 1.65
CA HIS B 51 4.67 -3.66 2.99
C HIS B 51 5.68 -4.76 3.29
N SER B 52 6.82 -4.75 2.62
CA SER B 52 7.93 -5.65 2.92
C SER B 52 8.90 -4.93 3.85
N THR B 53 9.72 -5.71 4.54
CA THR B 53 10.63 -5.15 5.53
C THR B 53 12.10 -5.21 5.15
N GLU B 54 12.46 -5.89 4.07
CA GLU B 54 13.86 -6.02 3.67
C GLU B 54 14.22 -4.93 2.66
N VAL B 55 15.14 -4.05 3.03
CA VAL B 55 15.63 -3.00 2.15
C VAL B 55 16.97 -3.48 1.57
N ASP B 56 16.98 -3.74 0.27
CA ASP B 56 18.09 -4.39 -0.44
C ASP B 56 18.96 -3.32 -1.09
N PHE B 57 20.21 -3.16 -0.62
CA PHE B 57 21.16 -2.26 -1.27
C PHE B 57 22.40 -3.01 -1.75
N GLN B 58 22.21 -4.24 -2.20
CA GLN B 58 23.33 -5.06 -2.63
C GLN B 58 23.16 -5.69 -4.00
N GLY B 59 21.94 -5.82 -4.51
CA GLY B 59 21.71 -6.50 -5.76
C GLY B 59 22.13 -5.69 -6.96
N SER B 60 21.81 -6.25 -8.13
CA SER B 60 22.25 -5.69 -9.41
C SER B 60 21.75 -4.27 -9.68
N HIS B 61 20.74 -3.79 -8.95
CA HIS B 61 20.22 -2.43 -9.12
C HIS B 61 21.11 -1.37 -8.45
N MET B 62 22.03 -1.78 -7.59
CA MET B 62 22.72 -0.88 -6.67
C MET B 62 24.20 -0.81 -7.01
N VAL B 63 24.70 0.40 -7.28
CA VAL B 63 26.15 0.59 -7.39
C VAL B 63 26.83 0.11 -6.12
N ASP B 64 28.01 -0.47 -6.28
CA ASP B 64 28.83 -0.88 -5.14
C ASP B 64 29.58 0.32 -4.58
N ASP B 65 30.04 0.18 -3.33
CA ASP B 65 30.68 1.30 -2.65
C ASP B 65 31.89 1.82 -3.43
N ASP B 66 32.72 0.91 -4.00
CA ASP B 66 33.95 1.39 -4.63
C ASP B 66 33.66 2.30 -5.81
N GLU B 67 32.66 1.97 -6.62
CA GLU B 67 32.34 2.79 -7.79
C GLU B 67 31.56 4.04 -7.40
N LEU B 68 30.73 3.94 -6.34
CA LEU B 68 30.09 5.13 -5.79
C LEU B 68 31.15 6.11 -5.30
N ILE B 69 32.10 5.64 -4.49
CA ILE B 69 33.11 6.55 -3.95
C ILE B 69 33.93 7.15 -5.08
N GLU B 70 34.20 6.34 -6.12
CA GLU B 70 34.94 6.82 -7.27
C GLU B 70 34.17 7.94 -8.01
N LEU B 71 32.86 7.79 -8.16
CA LEU B 71 32.05 8.82 -8.79
C LEU B 71 31.97 10.10 -7.95
N ILE B 72 31.82 9.94 -6.63
CA ILE B 72 31.82 11.12 -5.75
C ILE B 72 33.16 11.86 -5.85
N ASP B 73 34.27 11.12 -5.82
CA ASP B 73 35.58 11.76 -5.95
C ASP B 73 35.72 12.45 -7.31
N TYR B 74 35.22 11.83 -8.37
CA TYR B 74 35.29 12.45 -9.69
C TYR B 74 34.48 13.74 -9.73
N ALA B 75 33.27 13.72 -9.15
CA ALA B 75 32.45 14.93 -9.10
C ALA B 75 33.18 16.06 -8.38
N LYS B 76 33.78 15.74 -7.22
CA LYS B 76 34.58 16.73 -6.51
C LYS B 76 35.73 17.24 -7.37
N SER B 77 36.36 16.34 -8.14
CA SER B 77 37.44 16.76 -9.03
C SER B 77 36.96 17.76 -10.08
N LEU B 78 35.69 17.67 -10.49
CA LEU B 78 35.14 18.69 -11.38
C LEU B 78 34.83 19.99 -10.67
N GLY B 79 34.95 20.03 -9.34
CA GLY B 79 34.60 21.19 -8.57
C GLY B 79 33.16 21.22 -8.08
N LEU B 80 32.45 20.10 -8.15
CA LEU B 80 31.07 20.04 -7.67
C LEU B 80 31.06 19.70 -6.19
N LYS B 81 30.13 20.30 -5.46
CA LYS B 81 29.79 19.79 -4.15
C LYS B 81 28.75 18.68 -4.30
N VAL B 82 28.66 17.82 -3.30
CA VAL B 82 27.94 16.55 -3.45
C VAL B 82 26.94 16.37 -2.33
N ILE B 83 25.70 16.05 -2.71
CA ILE B 83 24.62 15.70 -1.80
C ILE B 83 24.24 14.25 -2.04
N LEU B 84 24.24 13.43 -0.99
CA LEU B 84 23.92 12.02 -1.12
C LEU B 84 22.50 11.76 -0.66
N LYS B 85 21.71 11.10 -1.51
CA LYS B 85 20.27 10.93 -1.29
C LYS B 85 19.94 9.45 -1.52
N PRO B 86 20.18 8.61 -0.51
CA PRO B 86 19.80 7.18 -0.64
C PRO B 86 18.34 7.00 -0.25
N THR B 87 17.54 6.52 -1.19
CA THR B 87 16.11 6.30 -0.91
C THR B 87 15.79 4.86 -1.30
N VAL B 88 14.51 4.56 -1.47
CA VAL B 88 14.08 3.19 -1.70
C VAL B 88 12.88 3.18 -2.64
N ASN B 89 12.85 2.20 -3.53
CA ASN B 89 11.70 1.96 -4.40
C ASN B 89 11.14 0.57 -4.14
N CYS B 90 9.93 0.32 -4.64
CA CYS B 90 9.29 -0.98 -4.53
C CYS B 90 9.38 -1.72 -5.86
N ARG B 91 9.79 -3.00 -5.82
CA ARG B 91 9.92 -3.78 -7.05
C ARG B 91 8.60 -3.93 -7.78
N ASN B 92 7.48 -3.89 -7.06
CA ASN B 92 6.17 -3.96 -7.72
C ASN B 92 5.68 -2.61 -8.21
N GLY B 93 6.49 -1.56 -8.10
CA GLY B 93 6.18 -0.29 -8.71
C GLY B 93 5.45 0.70 -7.83
N THR B 94 4.98 0.28 -6.65
CA THR B 94 4.31 1.19 -5.73
C THR B 94 5.23 2.33 -5.32
N TRP B 95 4.70 3.55 -5.37
CA TRP B 95 5.40 4.74 -4.89
C TRP B 95 5.75 4.60 -3.40
N ARG B 96 6.99 4.92 -3.06
CA ARG B 96 7.47 4.77 -1.69
C ARG B 96 6.67 5.59 -0.68
N ALA B 97 5.91 6.60 -1.13
CA ALA B 97 5.04 7.33 -0.22
C ALA B 97 4.01 6.44 0.44
N HIS B 98 3.71 5.27 -0.15
CA HIS B 98 2.71 4.35 0.37
C HIS B 98 3.27 3.29 1.30
N ILE B 99 4.60 3.24 1.49
CA ILE B 99 5.18 2.26 2.40
C ILE B 99 4.60 2.49 3.78
N ASN B 100 4.06 1.42 4.37
CA ASN B 100 3.15 1.57 5.49
C ASN B 100 2.93 0.20 6.12
N PHE B 101 2.70 0.20 7.43
CA PHE B 101 2.48 -1.02 8.20
C PHE B 101 1.34 -0.78 9.17
N PHE B 102 0.75 -1.87 9.65
CA PHE B 102 -0.31 -1.76 10.65
C PHE B 102 0.23 -1.03 11.88
N ASP B 103 -0.66 -0.32 12.57
CA ASP B 103 -0.25 0.41 13.76
C ASP B 103 -0.03 -0.49 14.97
N MET B 104 -0.39 -1.75 14.90
CA MET B 104 -0.11 -2.69 15.96
C MET B 104 0.74 -3.83 15.36
N ASP B 105 1.29 -4.67 16.23
CA ASP B 105 2.07 -5.83 15.81
C ASP B 105 1.16 -7.05 15.84
N ILE B 106 0.89 -7.60 14.66
CA ILE B 106 -0.02 -8.73 14.46
C ILE B 106 0.83 -9.96 14.16
N PRO B 107 0.59 -11.10 14.82
CA PRO B 107 1.41 -12.30 14.56
C PRO B 107 1.47 -12.64 13.09
N GLY B 108 2.68 -12.78 12.57
CA GLY B 108 2.89 -13.08 11.18
C GLY B 108 2.90 -11.88 10.26
N GLU B 109 2.53 -10.68 10.75
CA GLU B 109 2.52 -9.53 9.86
C GLU B 109 3.80 -8.72 10.00
N PRO B 110 4.20 -8.00 8.96
CA PRO B 110 5.33 -7.07 9.10
C PRO B 110 4.97 -5.90 10.02
N THR B 111 6.02 -5.32 10.62
CA THR B 111 5.85 -4.21 11.56
C THR B 111 6.74 -3.04 11.18
N TRP B 112 6.32 -1.85 11.64
CA TRP B 112 7.15 -0.65 11.53
C TRP B 112 8.55 -0.88 12.08
N ASP B 113 8.67 -1.54 13.22
CA ASP B 113 9.98 -1.76 13.82
C ASP B 113 10.89 -2.56 12.88
N GLU B 114 10.32 -3.55 12.19
CA GLU B 114 11.16 -4.34 11.29
C GLU B 114 11.60 -3.52 10.09
N TRP B 115 10.66 -2.78 9.49
CA TRP B 115 11.06 -1.93 8.37
C TRP B 115 12.13 -0.93 8.79
N PHE B 116 11.92 -0.27 9.93
CA PHE B 116 12.87 0.78 10.30
C PHE B 116 14.23 0.21 10.65
N GLU B 117 14.28 -0.98 11.25
CA GLU B 117 15.58 -1.59 11.48
C GLU B 117 16.33 -1.77 10.17
N SER B 118 15.63 -2.19 9.12
CA SER B 118 16.30 -2.40 7.84
C SER B 118 16.63 -1.07 7.14
N TYR B 119 15.71 -0.12 7.18
CA TYR B 119 15.98 1.18 6.56
C TYR B 119 17.10 1.93 7.29
N ILE B 120 17.12 1.85 8.61
CA ILE B 120 18.21 2.46 9.38
C ILE B 120 19.54 1.79 9.04
N ASN B 121 19.54 0.45 8.91
CA ASN B 121 20.75 -0.26 8.48
C ASN B 121 21.28 0.34 7.18
N TYR B 122 20.38 0.59 6.24
CA TYR B 122 20.72 1.14 4.93
C TYR B 122 21.25 2.57 5.06
N GLN B 123 20.55 3.43 5.79
CA GLN B 123 20.98 4.83 5.92
C GLN B 123 22.34 4.93 6.61
N LYS B 124 22.55 4.18 7.70
CA LYS B 124 23.82 4.23 8.41
C LYS B 124 24.97 3.88 7.48
N HIS B 125 24.77 2.92 6.59
CA HIS B 125 25.84 2.53 5.70
C HIS B 125 26.26 3.70 4.79
N TYR B 126 25.29 4.35 4.15
CA TYR B 126 25.62 5.43 3.25
C TYR B 126 25.99 6.73 3.99
N ALA B 127 25.56 6.89 5.25
CA ALA B 127 26.06 8.02 6.03
C ALA B 127 27.57 7.91 6.25
N LYS B 128 28.07 6.69 6.45
CA LYS B 128 29.51 6.49 6.56
C LYS B 128 30.21 6.83 5.24
N ILE B 129 29.58 6.49 4.11
CA ILE B 129 30.16 6.87 2.83
C ILE B 129 30.13 8.38 2.66
N ALA B 130 29.04 9.02 3.08
CA ALA B 130 28.97 10.48 2.96
C ALA B 130 30.06 11.13 3.80
N GLU B 131 30.35 10.55 4.95
CA GLU B 131 31.39 11.09 5.81
C GLU B 131 32.78 10.81 5.24
N LYS B 132 32.99 9.61 4.70
CA LYS B 132 34.29 9.29 4.12
C LYS B 132 34.63 10.22 2.97
N THR B 133 33.62 10.61 2.18
CA THR B 133 33.86 11.45 1.00
C THR B 133 33.67 12.93 1.27
N ASN B 134 33.35 13.32 2.50
CA ASN B 134 33.02 14.72 2.82
C ASN B 134 31.92 15.25 1.91
N CYS B 135 30.82 14.50 1.81
CA CYS B 135 29.66 15.07 1.14
C CYS B 135 29.14 16.25 1.94
N GLU B 136 28.72 17.31 1.23
CA GLU B 136 28.22 18.49 1.91
C GLU B 136 26.92 18.21 2.67
N MET B 137 26.06 17.34 2.12
CA MET B 137 24.75 17.10 2.70
C MET B 137 24.35 15.63 2.53
N PHE B 138 23.51 15.16 3.46
CA PHE B 138 22.96 13.81 3.44
C PHE B 138 21.44 13.86 3.63
N VAL B 139 20.71 13.22 2.72
CA VAL B 139 19.24 13.24 2.71
C VAL B 139 18.73 11.88 3.18
N VAL B 140 18.14 11.83 4.38
CA VAL B 140 17.84 10.54 5.02
C VAL B 140 16.53 9.92 4.55
N GLY B 141 15.73 10.63 3.78
CA GLY B 141 14.53 10.02 3.25
C GLY B 141 13.94 10.92 2.18
N CYS B 142 12.99 10.36 1.44
CA CYS B 142 12.42 11.03 0.27
C CYS B 142 10.96 10.66 0.18
N GLU B 143 10.05 11.64 0.42
CA GLU B 143 8.63 11.48 0.10
C GLU B 143 7.99 10.30 0.83
N MET B 144 8.40 10.04 2.07
CA MET B 144 7.83 8.90 2.80
C MET B 144 6.57 9.31 3.55
N VAL B 145 5.54 9.66 2.77
CA VAL B 145 4.37 10.35 3.33
C VAL B 145 3.77 9.54 4.47
N GLN B 146 3.39 8.29 4.20
CA GLN B 146 2.74 7.51 5.24
C GLN B 146 3.70 7.20 6.38
N ALA B 147 4.97 6.96 6.07
CA ALA B 147 5.94 6.70 7.14
C ALA B 147 6.21 7.95 7.97
N GLU B 148 5.86 9.14 7.48
CA GLU B 148 6.11 10.37 8.22
C GLU B 148 5.35 10.41 9.54
N ARG B 149 4.28 9.63 9.68
CA ARG B 149 3.56 9.66 10.95
C ARG B 149 4.31 8.94 12.06
N ARG B 150 5.41 8.26 11.79
CA ARG B 150 6.27 7.71 12.83
C ARG B 150 7.49 8.61 13.05
N GLU B 151 7.21 9.86 13.43
CA GLU B 151 8.29 10.82 13.63
C GLU B 151 9.27 10.35 14.70
N ASP B 152 8.80 9.52 15.63
CA ASP B 152 9.71 8.94 16.62
C ASP B 152 10.82 8.11 15.95
N LYS B 153 10.45 7.31 14.95
CA LYS B 153 11.43 6.49 14.24
C LYS B 153 12.37 7.34 13.39
N TRP B 154 11.84 8.40 12.79
CA TRP B 154 12.71 9.30 12.03
C TRP B 154 13.70 9.99 12.95
N ARG B 155 13.25 10.41 14.14
CA ARG B 155 14.17 10.99 15.12
C ARG B 155 15.27 10.01 15.50
N GLU B 156 14.90 8.74 15.71
CA GLU B 156 15.87 7.71 16.02
C GLU B 156 16.83 7.49 14.86
N LEU B 157 16.30 7.48 13.63
CA LEU B 157 17.15 7.36 12.45
C LEU B 157 18.16 8.51 12.37
N ILE B 158 17.67 9.74 12.48
CA ILE B 158 18.55 10.91 12.37
C ILE B 158 19.68 10.82 13.39
N ALA B 159 19.37 10.40 14.61
CA ALA B 159 20.40 10.30 15.65
C ALA B 159 21.42 9.23 15.32
N GLU B 160 20.99 8.13 14.68
CA GLU B 160 21.96 7.15 14.22
C GLU B 160 22.88 7.74 13.15
N VAL B 161 22.31 8.56 12.24
CA VAL B 161 23.11 9.17 11.18
C VAL B 161 24.14 10.14 11.76
N ARG B 162 23.74 10.93 12.76
CA ARG B 162 24.65 11.91 13.35
C ARG B 162 25.90 11.27 13.96
N LYS B 163 25.79 10.01 14.40
CA LYS B 163 26.95 9.32 14.94
C LYS B 163 27.99 9.03 13.87
N ASP B 164 27.55 8.90 12.61
CA ASP B 164 28.44 8.52 11.53
C ASP B 164 28.88 9.69 10.66
N TYR B 165 28.13 10.80 10.65
CA TYR B 165 28.28 11.82 9.63
C TYR B 165 28.19 13.21 10.27
N ARG B 166 29.19 14.05 9.98
CA ARG B 166 29.34 15.36 10.59
C ARG B 166 28.72 16.49 9.78
N GLY B 167 28.27 16.24 8.56
CA GLY B 167 27.80 17.29 7.67
C GLY B 167 26.35 17.69 7.89
N LEU B 168 25.79 18.38 6.90
CA LEU B 168 24.39 18.81 6.98
C LEU B 168 23.48 17.63 6.69
N VAL B 169 22.45 17.46 7.52
CA VAL B 169 21.49 16.38 7.39
C VAL B 169 20.11 16.97 7.12
N THR B 170 19.38 16.41 6.15
CA THR B 170 18.02 16.87 5.86
C THR B 170 17.12 15.66 5.61
N TYR B 171 15.84 15.96 5.39
CA TYR B 171 14.82 15.00 4.99
C TYR B 171 14.03 15.62 3.84
N ASN B 172 13.81 14.86 2.78
CA ASN B 172 13.13 15.31 1.56
C ASN B 172 11.66 14.88 1.70
N THR B 173 10.81 15.80 2.17
CA THR B 173 9.39 15.48 2.24
C THR B 173 8.75 15.70 0.87
N ASP B 174 7.53 15.18 0.72
CA ASP B 174 6.81 15.33 -0.54
C ASP B 174 6.15 16.71 -0.63
N LYS B 175 5.80 17.10 -1.86
CA LYS B 175 4.96 18.27 -2.11
C LYS B 175 3.78 18.34 -1.14
N TYR B 176 3.48 19.55 -0.66
CA TYR B 176 2.36 19.86 0.23
C TYR B 176 2.50 19.27 1.62
N GLN B 177 3.62 18.64 1.96
CA GLN B 177 3.78 18.05 3.29
C GLN B 177 4.69 18.87 4.20
N GLU B 178 5.25 19.97 3.70
CA GLU B 178 6.23 20.72 4.50
C GLU B 178 5.69 21.08 5.88
N ASP B 179 4.41 21.45 5.96
CA ASP B 179 3.83 21.87 7.22
C ASP B 179 3.15 20.73 7.98
N ASN B 180 3.25 19.50 7.51
CA ASN B 180 2.76 18.35 8.27
C ASN B 180 3.88 17.58 8.96
N VAL B 181 5.11 17.67 8.44
CA VAL B 181 6.26 17.05 9.09
C VAL B 181 6.69 17.94 10.25
N LYS B 182 6.89 17.35 11.42
CA LYS B 182 7.22 18.14 12.60
C LYS B 182 8.60 17.83 13.19
N PHE B 183 9.43 17.02 12.53
CA PHE B 183 10.73 16.74 13.11
C PHE B 183 11.84 17.61 12.51
N TRP B 184 11.48 18.77 11.93
CA TRP B 184 12.48 19.64 11.35
C TRP B 184 13.48 20.13 12.38
N ASP B 185 13.06 20.26 13.64
CA ASP B 185 13.97 20.68 14.70
C ASP B 185 15.19 19.76 14.82
N ALA B 186 15.09 18.51 14.38
CA ALA B 186 16.20 17.57 14.45
C ALA B 186 17.15 17.66 13.26
N LEU B 187 16.81 18.45 12.24
CA LEU B 187 17.58 18.51 11.01
C LEU B 187 18.24 19.88 10.89
N ASP B 188 19.21 19.96 9.97
CA ASP B 188 19.88 21.24 9.73
C ASP B 188 19.24 22.02 8.59
N VAL B 189 18.56 21.34 7.66
CA VAL B 189 18.02 21.94 6.46
C VAL B 189 16.65 21.34 6.22
N ILE B 190 15.69 22.18 5.90
CA ILE B 190 14.36 21.72 5.50
C ILE B 190 14.36 21.56 3.99
N SER B 191 13.78 20.47 3.49
CA SER B 191 13.72 20.33 2.04
C SER B 191 12.45 19.58 1.64
N SER B 192 12.04 19.78 0.39
CA SER B 192 10.86 19.11 -0.12
C SER B 192 10.96 18.94 -1.62
N SER B 193 10.14 18.03 -2.15
CA SER B 193 9.98 17.85 -3.59
C SER B 193 9.05 18.95 -4.09
N GLY B 194 9.63 19.99 -4.68
CA GLY B 194 8.82 21.14 -5.08
C GLY B 194 8.09 21.01 -6.39
N TYR B 195 7.33 19.94 -6.58
CA TYR B 195 6.58 19.72 -7.84
C TYR B 195 5.25 20.45 -7.79
N TYR B 196 5.33 21.80 -7.80
CA TYR B 196 4.07 22.53 -7.68
C TYR B 196 3.58 23.00 -9.04
N PRO B 197 2.26 23.12 -9.24
CA PRO B 197 1.75 23.46 -10.58
C PRO B 197 2.21 24.84 -11.02
N ILE B 198 2.38 24.99 -12.34
CA ILE B 198 2.87 26.24 -12.91
C ILE B 198 2.01 27.44 -12.47
N ASN B 199 0.73 27.20 -12.19
CA ASN B 199 -0.17 28.31 -11.86
C ASN B 199 -0.44 28.44 -10.36
N ASP B 200 0.34 27.79 -9.49
CA ASP B 200 0.00 27.82 -8.07
C ASP B 200 1.22 28.09 -7.17
N TRP B 201 2.27 28.73 -7.69
CA TRP B 201 3.50 28.88 -6.91
C TRP B 201 3.31 29.80 -5.71
N ASP B 202 2.58 30.90 -5.89
CA ASP B 202 2.49 31.91 -4.82
C ASP B 202 1.79 31.34 -3.58
N ARG B 203 0.66 30.67 -3.76
CA ARG B 203 0.00 30.09 -2.60
C ARG B 203 0.89 29.06 -1.92
N GLN B 204 1.59 28.25 -2.70
CA GLN B 204 2.40 27.19 -2.11
C GLN B 204 3.63 27.75 -1.41
N LEU B 205 4.29 28.74 -2.01
CA LEU B 205 5.45 29.36 -1.37
C LEU B 205 5.04 30.09 -0.09
N ASP B 206 3.86 30.73 -0.07
CA ASP B 206 3.35 31.35 1.14
C ASP B 206 3.13 30.32 2.25
N ARG B 207 2.60 29.15 1.90
CA ARG B 207 2.43 28.09 2.88
C ARG B 207 3.79 27.63 3.43
N ILE B 208 4.74 27.36 2.54
CA ILE B 208 6.05 26.88 2.99
C ILE B 208 6.76 27.94 3.81
N GLU B 209 6.61 29.21 3.45
CA GLU B 209 7.31 30.28 4.14
C GLU B 209 7.04 30.27 5.64
N ALA B 210 5.79 29.96 6.04
CA ALA B 210 5.48 29.93 7.47
C ALA B 210 6.21 28.81 8.20
N VAL B 211 6.50 27.71 7.50
CA VAL B 211 7.27 26.62 8.09
C VAL B 211 8.71 27.04 8.27
N VAL B 212 9.28 27.66 7.25
CA VAL B 212 10.69 28.05 7.33
C VAL B 212 10.87 29.07 8.44
N LYS B 213 9.94 30.02 8.56
CA LYS B 213 10.04 31.02 9.62
C LYS B 213 9.90 30.37 10.99
N GLN B 214 9.03 29.37 11.10
CA GLN B 214 8.82 28.71 12.38
C GLN B 214 10.11 28.12 12.92
N TYR B 215 10.87 27.40 12.08
CA TYR B 215 12.03 26.66 12.57
C TYR B 215 13.35 27.40 12.41
N ASP B 216 13.38 28.50 11.67
CA ASP B 216 14.60 29.29 11.45
C ASP B 216 15.72 28.41 10.90
N LYS B 217 15.43 27.74 9.79
CA LYS B 217 16.41 26.89 9.16
C LYS B 217 16.43 27.12 7.66
N PRO B 218 17.57 26.90 7.01
CA PRO B 218 17.61 27.00 5.55
C PRO B 218 16.65 26.02 4.90
N PHE B 219 16.27 26.36 3.68
CA PHE B 219 15.32 25.55 2.93
C PHE B 219 15.80 25.46 1.48
N PHE B 220 15.57 24.31 0.85
CA PHE B 220 15.68 24.26 -0.61
C PHE B 220 14.85 23.11 -1.15
N PHE B 221 14.54 23.20 -2.44
CA PHE B 221 13.79 22.17 -3.16
C PHE B 221 14.76 21.12 -3.66
N VAL B 222 15.02 20.10 -2.84
CA VAL B 222 15.99 19.06 -3.17
C VAL B 222 15.54 18.20 -4.36
N ALA B 223 14.26 18.20 -4.69
CA ALA B 223 13.79 17.70 -5.96
C ALA B 223 12.87 18.73 -6.58
N ALA B 224 12.99 18.93 -7.89
CA ALA B 224 12.13 19.81 -8.66
C ALA B 224 12.41 19.58 -10.15
N GLY B 225 11.40 19.79 -10.98
CA GLY B 225 11.55 19.61 -12.40
C GLY B 225 10.21 19.34 -13.05
N CYS B 226 10.27 19.04 -14.35
CA CYS B 226 9.07 18.87 -15.16
C CYS B 226 9.42 18.09 -16.43
N PRO B 227 8.64 17.07 -16.79
CA PRO B 227 8.84 16.40 -18.08
C PRO B 227 8.46 17.29 -19.25
N SER B 228 9.13 17.08 -20.39
CA SER B 228 8.81 17.80 -21.62
C SER B 228 7.55 17.19 -22.25
N ARG B 229 6.42 17.44 -21.58
CA ARG B 229 5.17 16.78 -21.95
C ARG B 229 3.99 17.72 -21.73
N SER B 230 3.08 17.73 -22.69
CA SER B 230 1.91 18.61 -22.60
C SER B 230 1.01 18.16 -21.44
N GLY B 231 0.72 19.09 -20.52
CA GLY B 231 -0.01 18.79 -19.32
C GLY B 231 0.86 18.63 -18.09
N SER B 232 2.16 18.41 -18.27
CA SER B 232 3.05 18.18 -17.13
C SER B 232 3.23 19.43 -16.27
N ALA B 233 3.11 20.62 -16.85
CA ALA B 233 3.33 21.83 -16.08
C ALA B 233 2.30 21.99 -14.96
N LEU B 234 1.11 21.42 -15.13
CA LEU B 234 0.15 21.46 -14.05
C LEU B 234 0.35 20.34 -13.02
N LEU B 235 0.98 19.22 -13.42
CA LEU B 235 1.23 18.10 -12.52
C LEU B 235 2.64 17.56 -12.75
N PRO B 236 3.66 18.34 -12.42
CA PRO B 236 5.03 17.96 -12.84
C PRO B 236 5.59 16.74 -12.13
N ASN B 237 4.98 16.33 -11.03
CA ASN B 237 5.42 15.14 -10.31
C ASN B 237 5.04 13.85 -11.02
N LYS B 238 4.07 13.89 -11.93
CA LYS B 238 3.46 12.67 -12.47
C LYS B 238 4.32 12.12 -13.60
N TRP B 239 5.24 11.22 -13.25
CA TRP B 239 6.16 10.69 -14.26
C TRP B 239 5.44 9.86 -15.33
N ASP B 240 4.25 9.35 -15.07
CA ASP B 240 3.53 8.57 -16.07
C ASP B 240 2.36 9.33 -16.68
N LEU B 241 2.38 10.66 -16.58
CA LEU B 241 1.33 11.48 -17.18
C LEU B 241 1.22 11.22 -18.68
N GLU B 242 -0.01 11.07 -19.16
CA GLU B 242 -0.28 10.88 -20.59
C GLU B 242 -0.39 12.23 -21.26
N GLY B 243 0.49 12.48 -22.22
CA GLY B 243 0.47 13.74 -22.93
C GLY B 243 1.43 13.74 -24.10
N ALA B 244 1.10 14.49 -25.14
CA ALA B 244 2.01 14.65 -26.26
C ALA B 244 3.31 15.30 -25.81
N ILE B 245 4.38 14.98 -26.54
CA ILE B 245 5.68 15.60 -26.26
C ILE B 245 5.60 17.11 -26.47
N ASN B 246 6.28 17.85 -25.60
CA ASN B 246 6.24 19.31 -25.69
C ASN B 246 7.44 19.87 -24.94
N LEU B 247 8.50 20.17 -25.67
CA LEU B 247 9.71 20.71 -25.05
C LEU B 247 9.47 22.10 -24.49
N GLN B 248 8.64 22.91 -25.14
CA GLN B 248 8.42 24.28 -24.68
C GLN B 248 7.67 24.32 -23.36
N GLU B 249 6.80 23.33 -23.10
CA GLU B 249 6.11 23.32 -21.82
C GLU B 249 7.10 23.18 -20.67
N GLN B 250 8.08 22.29 -20.81
CA GLN B 250 9.10 22.14 -19.77
C GLN B 250 9.87 23.44 -19.57
N ALA B 251 10.25 24.10 -20.66
CA ALA B 251 11.00 25.34 -20.53
C ALA B 251 10.17 26.43 -19.85
N ASP B 252 8.89 26.54 -20.22
CA ASP B 252 8.01 27.47 -19.54
C ASP B 252 7.87 27.14 -18.07
N TYR B 253 7.85 25.84 -17.72
CA TYR B 253 7.73 25.48 -16.31
C TYR B 253 8.93 25.99 -15.53
N TYR B 254 10.15 25.73 -16.02
CA TYR B 254 11.35 26.23 -15.36
C TYR B 254 11.38 27.76 -15.31
N GLN B 255 10.97 28.43 -16.38
CA GLN B 255 10.97 29.89 -16.38
C GLN B 255 10.11 30.45 -15.26
N VAL B 256 8.89 29.93 -15.11
CA VAL B 256 8.00 30.42 -14.05
C VAL B 256 8.54 30.03 -12.66
N MET B 257 9.02 28.79 -12.50
CA MET B 257 9.52 28.37 -11.19
C MET B 257 10.64 29.29 -10.72
N PHE B 258 11.58 29.61 -11.60
CA PHE B 258 12.70 30.46 -11.19
C PHE B 258 12.24 31.89 -10.92
N GLU B 259 11.34 32.42 -11.75
CA GLU B 259 10.86 33.79 -11.52
C GLU B 259 10.09 33.90 -10.21
N LYS B 260 9.28 32.88 -9.87
CA LYS B 260 8.50 32.94 -8.63
C LYS B 260 9.40 32.77 -7.41
N THR B 261 10.37 31.86 -7.48
CA THR B 261 11.18 31.58 -6.30
C THR B 261 12.30 32.62 -6.10
N ALA B 262 12.77 33.25 -7.20
CA ALA B 262 13.85 34.23 -7.08
C ALA B 262 13.52 35.34 -6.08
N SER B 263 12.25 35.71 -5.96
CA SER B 263 11.86 36.76 -5.02
C SER B 263 11.63 36.25 -3.61
N ARG B 264 11.93 34.98 -3.35
CA ARG B 264 11.83 34.40 -2.02
C ARG B 264 13.25 34.14 -1.53
N SER B 265 13.77 35.05 -0.68
CA SER B 265 15.15 34.93 -0.24
C SER B 265 15.40 33.63 0.52
N TRP B 266 14.36 33.01 1.07
CA TRP B 266 14.51 31.78 1.83
C TRP B 266 14.52 30.53 0.95
N VAL B 267 14.19 30.64 -0.33
CA VAL B 267 14.34 29.51 -1.22
C VAL B 267 15.82 29.38 -1.54
N GLY B 268 16.47 28.39 -0.96
CA GLY B 268 17.91 28.30 -0.91
C GLY B 268 18.55 27.44 -1.98
N GLY B 269 17.79 26.98 -2.96
CA GLY B 269 18.38 26.24 -4.05
C GLY B 269 17.46 25.13 -4.55
N PHE B 270 18.02 24.31 -5.44
CA PHE B 270 17.30 23.28 -6.17
C PHE B 270 18.19 22.07 -6.34
N GLY B 271 17.57 20.90 -6.38
CA GLY B 271 18.21 19.71 -6.91
C GLY B 271 17.38 19.22 -8.06
N LEU B 272 17.65 19.72 -9.26
CA LEU B 272 16.73 19.52 -10.37
C LEU B 272 16.67 18.05 -10.78
N TRP B 273 15.47 17.63 -11.14
CA TRP B 273 15.16 16.23 -11.48
C TRP B 273 14.87 16.11 -12.97
N ASP B 274 15.68 15.33 -13.70
CA ASP B 274 16.94 14.67 -13.24
C ASP B 274 17.82 14.43 -14.46
N TRP B 275 19.10 14.13 -14.22
CA TRP B 275 20.08 13.93 -15.27
C TRP B 275 20.53 12.48 -15.28
N GLN B 276 20.28 11.78 -16.37
CA GLN B 276 20.47 10.34 -16.33
C GLN B 276 21.94 9.96 -16.50
N THR B 277 22.34 8.87 -15.84
CA THR B 277 23.74 8.42 -15.86
C THR B 277 24.19 8.10 -17.28
N TYR B 278 23.41 7.28 -17.98
CA TYR B 278 23.67 6.92 -19.38
C TYR B 278 22.78 7.83 -20.23
N LEU B 279 23.34 8.98 -20.59
CA LEU B 279 22.58 10.05 -21.23
C LEU B 279 22.14 9.66 -22.64
N TYR B 280 20.94 10.08 -23.02
CA TYR B 280 20.47 9.85 -24.38
C TYR B 280 21.28 10.69 -25.37
N ASP B 281 21.26 10.27 -26.64
CA ASP B 281 21.95 11.02 -27.68
C ASP B 281 21.27 12.38 -27.87
N GLU B 282 22.08 13.43 -27.97
CA GLU B 282 21.52 14.77 -28.08
C GLU B 282 20.55 14.88 -29.25
N LYS B 283 20.82 14.19 -30.36
CA LYS B 283 19.93 14.25 -31.51
C LYS B 283 18.55 13.66 -31.22
N ASP B 284 18.42 12.88 -30.15
CA ASP B 284 17.13 12.33 -29.76
C ASP B 284 16.31 13.25 -28.85
N ALA B 285 16.88 14.39 -28.43
CA ALA B 285 16.23 15.21 -27.40
C ALA B 285 14.84 15.67 -27.82
N THR B 286 14.67 16.07 -29.08
CA THR B 286 13.37 16.61 -29.50
C THR B 286 12.28 15.53 -29.55
N LYS B 287 12.65 14.26 -29.46
CA LYS B 287 11.69 13.17 -29.36
C LYS B 287 11.52 12.65 -27.94
N ASN B 288 12.15 13.27 -26.95
CA ASN B 288 12.23 12.74 -25.60
C ASN B 288 11.24 13.49 -24.70
N ASP B 289 10.33 12.74 -24.06
CA ASP B 289 9.28 13.35 -23.24
C ASP B 289 9.52 13.17 -21.73
N ASP B 290 10.78 12.97 -21.34
CA ASP B 290 11.16 12.63 -19.97
C ASP B 290 11.56 13.89 -19.21
N TYR B 291 12.06 13.71 -17.97
CA TYR B 291 12.48 14.84 -17.12
C TYR B 291 13.75 15.50 -17.60
N GLY B 292 14.58 14.81 -18.38
CA GLY B 292 15.88 15.37 -18.76
C GLY B 292 15.73 16.66 -19.53
N VAL B 293 16.77 17.48 -19.46
CA VAL B 293 16.81 18.78 -20.14
C VAL B 293 17.91 18.87 -21.19
N PHE B 294 18.83 17.91 -21.22
CA PHE B 294 19.90 17.87 -22.21
C PHE B 294 19.36 18.01 -23.64
N GLY B 295 19.85 19.02 -24.36
CA GLY B 295 19.44 19.24 -25.73
C GLY B 295 18.08 19.91 -25.90
N LYS B 296 17.42 20.27 -24.81
CA LYS B 296 16.11 20.89 -24.85
C LYS B 296 16.21 22.35 -24.46
N PRO B 297 15.20 23.17 -24.82
CA PRO B 297 15.29 24.60 -24.45
C PRO B 297 15.40 24.86 -22.95
N ALA B 298 14.81 24.00 -22.12
CA ALA B 298 14.89 24.21 -20.67
C ALA B 298 16.33 24.24 -20.17
N GLU B 299 17.24 23.52 -20.85
CA GLU B 299 18.64 23.52 -20.44
C GLU B 299 19.22 24.93 -20.50
N ARG B 300 18.84 25.73 -21.50
CA ARG B 300 19.29 27.11 -21.56
C ARG B 300 18.68 27.95 -20.45
N VAL B 301 17.39 27.74 -20.16
CA VAL B 301 16.71 28.48 -19.10
C VAL B 301 17.40 28.24 -17.77
N ILE B 302 17.71 26.97 -17.48
CA ILE B 302 18.37 26.61 -16.23
C ILE B 302 19.74 27.26 -16.16
N LYS B 303 20.53 27.14 -17.25
CA LYS B 303 21.90 27.65 -17.22
C LYS B 303 21.91 29.16 -17.07
N ALA B 304 20.96 29.85 -17.70
CA ALA B 304 20.91 31.30 -17.57
C ALA B 304 20.59 31.72 -16.14
N TYR B 305 19.70 31.00 -15.47
CA TYR B 305 19.36 31.36 -14.09
C TYR B 305 20.50 31.00 -13.14
N TYR B 306 21.02 29.78 -13.27
CA TYR B 306 22.12 29.35 -12.40
C TYR B 306 23.32 30.28 -12.56
N GLN B 307 23.55 30.82 -13.77
CA GLN B 307 24.63 31.80 -13.98
C GLN B 307 24.41 33.08 -13.21
N SER B 308 23.15 33.51 -13.06
CA SER B 308 22.85 34.79 -12.43
C SER B 308 22.91 34.72 -10.91
N ARG B 309 22.93 33.54 -10.32
CA ARG B 309 22.96 33.44 -8.86
C ARG B 309 24.41 33.28 -8.42
C1 BMA C . -10.55 -14.44 4.13
C2 BMA C . -10.03 -13.50 3.05
C3 BMA C . -9.51 -14.26 1.89
C4 BMA C . -8.48 -15.29 2.27
C5 BMA C . -8.96 -16.16 3.43
C6 BMA C . -7.81 -16.97 3.96
O1 BMA C . -10.95 -13.74 5.22
O2 BMA C . -8.93 -12.76 3.63
O3 BMA C . -8.87 -13.31 1.01
O4 BMA C . -8.46 -16.17 1.37
O5 BMA C . -9.43 -15.33 4.55
O6 BMA C . -6.81 -16.10 4.43
C1 BMA C . -7.45 -16.10 0.37
C2 BMA C . -7.20 -17.48 -0.23
C3 BMA C . -6.16 -17.40 -1.34
C4 BMA C . -6.53 -16.32 -2.34
C5 BMA C . -6.84 -15.01 -1.64
C6 BMA C . -7.30 -13.94 -2.64
O2 BMA C . -8.42 -18.01 -0.75
O3 BMA C . -6.09 -18.67 -2.01
O4 BMA C . -5.44 -16.12 -3.25
O5 BMA C . -7.88 -15.21 -0.67
O6 BMA C . -7.69 -12.77 -1.93
C1 BMA D . -21.43 -7.49 -13.70
C2 BMA D . -22.86 -7.94 -13.45
C3 BMA D . -23.37 -8.54 -14.71
C4 BMA D . -23.18 -7.62 -15.89
C5 BMA D . -21.76 -7.04 -15.99
C6 BMA D . -21.62 -6.09 -17.14
O1 BMA D . -20.81 -7.10 -12.57
O2 BMA D . -23.73 -6.83 -13.07
O3 BMA D . -24.77 -8.84 -14.52
O4 BMA D . -23.42 -8.00 -16.92
O5 BMA D . -21.42 -6.39 -14.71
O6 BMA D . -22.52 -5.04 -16.94
C1 BMA D . -24.73 -8.17 -17.48
C2 BMA D . -24.66 -8.15 -19.00
C3 BMA D . -26.03 -8.35 -19.61
C4 BMA D . -26.68 -9.60 -19.02
C5 BMA D . -26.62 -9.58 -17.50
C6 BMA D . -27.19 -10.87 -16.91
O2 BMA D . -23.78 -9.19 -19.45
O3 BMA D . -25.93 -8.50 -21.02
O4 BMA D . -28.06 -9.65 -19.44
O5 BMA D . -25.27 -9.43 -17.07
O6 BMA D . -27.06 -10.84 -15.49
C1 BMA E . 11.36 12.16 -7.40
C2 BMA E . 11.06 10.73 -6.96
C3 BMA E . 11.18 9.79 -8.11
C4 BMA E . 10.49 10.24 -9.37
C5 BMA E . 10.65 11.73 -9.69
C6 BMA E . 9.65 12.15 -10.72
O1 BMA E . 11.13 13.02 -6.37
O2 BMA E . 9.69 10.69 -6.55
O3 BMA E . 10.57 8.53 -7.74
O4 BMA E . 10.90 9.76 -10.65
O5 BMA E . 10.43 12.56 -8.50
O6 BMA E . 8.40 12.24 -10.10
C1 BMA E . 10.38 8.49 -11.03
C2 BMA E . 10.67 8.22 -12.50
C3 BMA E . 10.17 6.84 -12.90
C4 BMA E . 10.65 5.78 -11.93
C5 BMA E . 10.39 6.18 -10.49
C6 BMA E . 10.98 5.16 -9.52
O2 BMA E . 12.08 8.29 -12.72
O3 BMA E . 10.63 6.53 -14.22
O4 BMA E . 10.00 4.54 -12.21
O5 BMA E . 10.96 7.47 -10.24
O6 BMA E . 10.60 5.49 -8.18
C1 BMA F . 42.36 7.11 4.57
C2 BMA F . 42.08 6.82 3.11
C3 BMA F . 41.72 8.02 2.39
C4 BMA F . 40.55 8.89 3.22
C5 BMA F . 40.89 8.96 4.59
C6 BMA F . 39.73 9.59 5.34
O1 BMA F . 42.65 5.88 5.25
O2 BMA F . 41.03 5.85 3.00
O3 BMA F . 41.33 7.57 1.06
O4 BMA F . 40.54 9.74 2.40
O5 BMA F . 41.20 7.69 5.15
O6 BMA F . 38.68 8.62 5.50
C1 BMA F . 39.35 10.21 1.71
C2 BMA F . 39.59 11.61 1.17
C3 BMA F . 38.34 12.14 0.49
C4 BMA F . 37.83 11.13 -0.53
C5 BMA F . 37.68 9.76 0.10
C6 BMA F . 37.23 8.73 -0.93
O2 BMA F . 40.68 11.58 0.24
O3 BMA F . 38.64 13.37 -0.17
O4 BMA F . 36.55 11.56 -1.04
O5 BMA F . 38.93 9.35 0.65
O6 BMA F . 38.30 8.46 -1.84
C1 BMA G . 1.78 7.74 -9.24
C2 BMA G . 2.66 8.26 -10.39
C3 BMA G . 3.82 9.10 -9.88
C4 BMA G . 3.35 10.13 -8.87
C5 BMA G . 2.49 9.46 -7.79
C6 BMA G . 1.99 10.49 -6.79
O1 BMA G . 0.62 7.10 -9.78
O2 BMA G . 1.85 9.03 -11.29
O3 BMA G . 4.43 9.77 -10.98
O4 BMA G . 4.47 10.77 -8.26
O5 BMA G . 1.38 8.83 -8.40
O6 BMA G . 1.65 11.71 -7.48
#